data_5C2E
#
_entry.id   5C2E
#
_cell.length_a   50.500
_cell.length_b   81.350
_cell.length_c   158.400
_cell.angle_alpha   90.000
_cell.angle_beta   90.000
_cell.angle_gamma   90.000
#
_symmetry.space_group_name_H-M   'P 21 21 21'
#
loop_
_entity.id
_entity.type
_entity.pdbx_description
1 polymer "cAMP and cAMP-inhibited cGMP 3',5'-cyclic phosphodiesterase 10A"
2 non-polymer 'ZINC ION'
3 non-polymer 'MAGNESIUM ION'
4 non-polymer 3-(1-hydroxy-2-methylpropan-2-yl)-5-phenyl-3,5-dihydro-1H-imidazo[4,5-c][1,8]naphthyridine-2,4-dione
5 non-polymer 6-chloro-N-[(2,4-dimethyl-1,3-thiazol-5-yl)methyl]-5-methyl-2-[2-(pyridin-2-yl)ethoxy]pyrimidin-4-amine
6 water water
#
_entity_poly.entity_id   1
_entity_poly.type   'polypeptide(L)'
_entity_poly.pdbx_seq_one_letter_code
;MGSSHHHHHHSSGLVPRGSHMSICTSEEWQGLMQFTLPVRLCKEIELFHFDIGPFENMWPGIFVYMVHRSCGTSCFELEK
LCRFIMSVKKNYRRVPYHNWKHAVTVAHCMYAILQNNHTLFTDLERKGLLIACLCHDLDHRGFSNSYLQKFDHPLAALYS
TSTMEQHHFSQTVSILQLEGHNIFSTLSSSEYEQVLEIIRKAIIATDLALYFGNRKQLEEMYQTGSLNLNNQSHRDRVIG
LMMTACDLCSVTKLWPVTKLTANDIYAEFWAEGDEMKKLGIQPIPMMDRDKKDEVPQGQLGFYNAVAIPCYTTLTQILPP
TEPLLKACRDNLSQWEKVIRGEETATWISSPSVAQKAAASED
;
_entity_poly.pdbx_strand_id   A,B
#
loop_
_chem_comp.id
_chem_comp.type
_chem_comp.name
_chem_comp.formula
4PX non-polymer 3-(1-hydroxy-2-methylpropan-2-yl)-5-phenyl-3,5-dihydro-1H-imidazo[4,5-c][1,8]naphthyridine-2,4-dione 'C19 H18 N4 O3'
4Y1 non-polymer 6-chloro-N-[(2,4-dimethyl-1,3-thiazol-5-yl)methyl]-5-methyl-2-[2-(pyridin-2-yl)ethoxy]pyrimidin-4-amine 'C18 H20 Cl N5 O S'
MG non-polymer 'MAGNESIUM ION' 'Mg 2'
ZN non-polymer 'ZINC ION' 'Zn 2'
#
# COMPACT_ATOMS: atom_id res chain seq x y z
N HIS A 20 -8.85 17.80 -32.80
CA HIS A 20 -8.46 17.41 -34.16
C HIS A 20 -7.28 16.44 -34.18
N MET A 21 -7.23 15.57 -35.21
CA MET A 21 -6.19 14.55 -35.37
C MET A 21 -5.37 14.70 -36.64
N SER A 22 -4.08 14.34 -36.56
CA SER A 22 -3.15 14.37 -37.69
C SER A 22 -3.44 13.15 -38.58
N ILE A 23 -3.60 13.39 -39.89
CA ILE A 23 -3.91 12.33 -40.86
C ILE A 23 -2.63 11.90 -41.61
N CYS A 24 -2.51 10.60 -41.90
CA CYS A 24 -1.36 10.06 -42.60
C CYS A 24 -1.44 10.38 -44.10
N THR A 25 -0.29 10.57 -44.75
CA THR A 25 -0.23 10.88 -46.18
C THR A 25 -0.52 9.61 -46.99
N SER A 26 -0.92 9.78 -48.28
CA SER A 26 -1.23 8.67 -49.18
C SER A 26 -0.03 7.74 -49.37
N GLU A 27 1.20 8.32 -49.40
CA GLU A 27 2.45 7.57 -49.55
C GLU A 27 2.77 6.70 -48.33
N GLU A 28 2.39 7.17 -47.12
CA GLU A 28 2.61 6.47 -45.85
C GLU A 28 1.89 5.12 -45.76
N TRP A 29 0.56 5.09 -46.01
CA TRP A 29 -0.19 3.83 -45.94
C TRP A 29 0.05 2.93 -47.15
N GLN A 30 0.37 3.52 -48.34
CA GLN A 30 0.65 2.79 -49.58
C GLN A 30 1.93 1.96 -49.44
N GLY A 31 2.93 2.52 -48.75
CA GLY A 31 4.21 1.87 -48.50
C GLY A 31 4.06 0.72 -47.51
N LEU A 32 3.14 0.90 -46.53
CA LEU A 32 2.83 -0.07 -45.49
C LEU A 32 2.14 -1.30 -46.10
N MET A 33 1.28 -1.05 -47.10
CA MET A 33 0.53 -2.09 -47.83
C MET A 33 1.50 -2.97 -48.63
N GLN A 34 2.58 -2.36 -49.16
CA GLN A 34 3.63 -3.00 -49.95
C GLN A 34 4.73 -3.69 -49.12
N PHE A 35 4.74 -3.45 -47.78
CA PHE A 35 5.74 -4.03 -46.87
C PHE A 35 5.68 -5.55 -46.77
N THR A 36 6.86 -6.19 -46.73
CA THR A 36 7.04 -7.64 -46.59
C THR A 36 7.98 -7.91 -45.42
N LEU A 37 7.50 -8.65 -44.42
CA LEU A 37 8.28 -9.00 -43.23
C LEU A 37 9.32 -10.09 -43.53
N PRO A 38 10.61 -9.90 -43.13
CA PRO A 38 11.63 -10.94 -43.39
C PRO A 38 11.39 -12.22 -42.59
N VAL A 39 11.62 -13.38 -43.24
CA VAL A 39 11.46 -14.75 -42.71
C VAL A 39 12.33 -14.98 -41.44
N ARG A 40 13.43 -14.23 -41.31
CA ARG A 40 14.36 -14.28 -40.17
C ARG A 40 13.66 -13.77 -38.90
N LEU A 41 12.74 -12.78 -39.06
CA LEU A 41 12.00 -12.16 -37.96
C LEU A 41 10.69 -12.85 -37.54
N CYS A 42 9.96 -13.48 -38.49
CA CYS A 42 8.69 -14.17 -38.21
C CYS A 42 8.80 -15.23 -37.10
N LYS A 43 10.00 -15.80 -36.90
CA LYS A 43 10.28 -16.78 -35.87
C LYS A 43 10.63 -16.06 -34.55
N GLU A 44 11.34 -14.91 -34.64
CA GLU A 44 11.77 -14.09 -33.51
C GLU A 44 10.62 -13.32 -32.83
N ILE A 45 9.66 -12.84 -33.63
CA ILE A 45 8.48 -12.07 -33.21
C ILE A 45 7.54 -12.86 -32.26
N GLU A 46 7.55 -14.21 -32.32
CA GLU A 46 6.71 -15.10 -31.50
C GLU A 46 7.18 -15.21 -30.04
N LEU A 47 8.45 -14.85 -29.78
CA LEU A 47 9.05 -14.91 -28.44
C LEU A 47 8.80 -13.64 -27.64
N PHE A 48 8.57 -13.79 -26.33
CA PHE A 48 8.29 -12.70 -25.40
C PHE A 48 9.40 -11.63 -25.31
N HIS A 49 10.65 -12.07 -25.12
CA HIS A 49 11.81 -11.18 -24.99
C HIS A 49 12.22 -10.42 -26.27
N PHE A 50 11.43 -10.53 -27.36
CA PHE A 50 11.71 -9.86 -28.64
C PHE A 50 11.75 -8.34 -28.50
N ASP A 51 12.85 -7.73 -28.98
CA ASP A 51 13.03 -6.27 -28.95
C ASP A 51 12.81 -5.69 -30.34
N ILE A 52 11.82 -4.79 -30.44
CA ILE A 52 11.46 -4.11 -31.69
C ILE A 52 12.47 -3.00 -32.04
N GLY A 53 13.11 -2.45 -31.00
CA GLY A 53 14.12 -1.39 -31.05
C GLY A 53 15.02 -1.30 -32.27
N PRO A 54 15.71 -2.40 -32.69
CA PRO A 54 16.58 -2.31 -33.87
C PRO A 54 15.91 -2.44 -35.25
N PHE A 55 14.57 -2.28 -35.34
CA PHE A 55 13.85 -2.39 -36.63
C PHE A 55 12.79 -1.30 -36.81
N GLU A 56 13.18 -0.02 -36.56
CA GLU A 56 12.32 1.17 -36.63
C GLU A 56 11.42 1.25 -37.86
N ASN A 57 12.00 1.17 -39.08
CA ASN A 57 11.26 1.25 -40.34
C ASN A 57 10.21 0.14 -40.50
N MET A 58 10.42 -0.99 -39.81
CA MET A 58 9.55 -2.16 -39.84
C MET A 58 8.43 -2.15 -38.79
N TRP A 59 8.45 -1.22 -37.78
CA TRP A 59 7.44 -1.13 -36.70
C TRP A 59 5.97 -1.15 -37.20
N PRO A 60 5.52 -0.26 -38.14
CA PRO A 60 4.11 -0.36 -38.60
C PRO A 60 3.80 -1.69 -39.28
N GLY A 61 4.76 -2.20 -40.06
CA GLY A 61 4.64 -3.47 -40.77
C GLY A 61 4.60 -4.65 -39.84
N ILE A 62 5.30 -4.54 -38.69
CA ILE A 62 5.36 -5.55 -37.64
C ILE A 62 3.96 -5.70 -37.06
N PHE A 63 3.26 -4.56 -36.82
CA PHE A 63 1.90 -4.53 -36.29
C PHE A 63 0.88 -5.17 -37.22
N VAL A 64 0.98 -4.89 -38.55
CA VAL A 64 0.11 -5.45 -39.59
C VAL A 64 0.21 -6.98 -39.53
N TYR A 65 1.46 -7.50 -39.56
CA TYR A 65 1.78 -8.94 -39.50
C TYR A 65 1.19 -9.58 -38.23
N MET A 66 1.33 -8.89 -37.09
CA MET A 66 0.85 -9.33 -35.77
C MET A 66 -0.68 -9.45 -35.76
N VAL A 67 -1.38 -8.47 -36.36
CA VAL A 67 -2.84 -8.43 -36.47
C VAL A 67 -3.27 -9.64 -37.34
N HIS A 68 -2.64 -9.80 -38.52
CA HIS A 68 -2.91 -10.88 -39.48
C HIS A 68 -2.65 -12.28 -38.93
N ARG A 69 -1.69 -12.42 -38.00
CA ARG A 69 -1.39 -13.73 -37.40
C ARG A 69 -2.28 -14.07 -36.20
N SER A 70 -2.72 -13.04 -35.47
CA SER A 70 -3.57 -13.23 -34.28
C SER A 70 -5.05 -13.33 -34.65
N CYS A 71 -5.50 -12.51 -35.63
CA CYS A 71 -6.89 -12.47 -36.07
C CYS A 71 -7.10 -13.11 -37.46
N GLY A 72 -6.47 -12.55 -38.49
CA GLY A 72 -6.57 -13.04 -39.86
C GLY A 72 -6.13 -12.04 -40.92
N THR A 73 -5.90 -12.51 -42.16
CA THR A 73 -5.46 -11.67 -43.28
C THR A 73 -6.59 -10.80 -43.86
N SER A 74 -7.85 -11.08 -43.50
CA SER A 74 -9.02 -10.34 -43.97
C SER A 74 -9.97 -9.86 -42.85
N CYS A 75 -9.49 -9.90 -41.57
CA CYS A 75 -10.26 -9.45 -40.39
C CYS A 75 -10.61 -7.97 -40.50
N PHE A 76 -9.67 -7.17 -41.03
CA PHE A 76 -9.81 -5.75 -41.29
C PHE A 76 -9.44 -5.53 -42.75
N GLU A 77 -10.01 -4.50 -43.41
CA GLU A 77 -9.70 -4.19 -44.80
C GLU A 77 -8.29 -3.61 -44.81
N LEU A 78 -7.34 -4.31 -45.49
CA LEU A 78 -5.91 -3.96 -45.60
C LEU A 78 -5.65 -2.46 -45.81
N GLU A 79 -6.51 -1.79 -46.60
CA GLU A 79 -6.42 -0.36 -46.88
C GLU A 79 -6.73 0.44 -45.61
N LYS A 80 -7.89 0.15 -44.95
CA LYS A 80 -8.35 0.80 -43.72
C LYS A 80 -7.37 0.60 -42.55
N LEU A 81 -6.81 -0.62 -42.41
CA LEU A 81 -5.86 -0.99 -41.37
C LEU A 81 -4.56 -0.20 -41.52
N CYS A 82 -4.00 -0.12 -42.75
CA CYS A 82 -2.77 0.61 -43.04
C CYS A 82 -2.92 2.11 -42.83
N ARG A 83 -4.12 2.65 -43.09
CA ARG A 83 -4.41 4.07 -42.89
C ARG A 83 -4.44 4.37 -41.39
N PHE A 84 -5.12 3.50 -40.61
CA PHE A 84 -5.28 3.61 -39.15
C PHE A 84 -3.92 3.61 -38.43
N ILE A 85 -3.07 2.62 -38.73
CA ILE A 85 -1.74 2.45 -38.14
C ILE A 85 -0.84 3.69 -38.34
N MET A 86 -0.67 4.14 -39.60
CA MET A 86 0.16 5.30 -39.95
C MET A 86 -0.34 6.60 -39.34
N SER A 87 -1.67 6.74 -39.14
CA SER A 87 -2.27 7.93 -38.53
C SER A 87 -2.10 7.90 -37.00
N VAL A 88 -2.06 6.69 -36.39
CA VAL A 88 -1.84 6.52 -34.95
C VAL A 88 -0.40 6.98 -34.66
N LYS A 89 0.55 6.56 -35.53
CA LYS A 89 1.98 6.89 -35.48
C LYS A 89 2.21 8.42 -35.44
N LYS A 90 1.50 9.17 -36.31
CA LYS A 90 1.59 10.63 -36.42
C LYS A 90 1.02 11.37 -35.21
N ASN A 91 0.08 10.74 -34.47
CA ASN A 91 -0.52 11.37 -33.31
C ASN A 91 0.25 11.06 -32.00
N TYR A 92 1.36 10.31 -32.10
CA TYR A 92 2.23 10.02 -30.97
C TYR A 92 3.28 11.13 -30.96
N ARG A 93 3.48 11.78 -29.80
CA ARG A 93 4.42 12.89 -29.65
C ARG A 93 5.88 12.44 -29.57
N ARG A 94 6.83 13.37 -29.81
CA ARG A 94 8.27 13.07 -29.77
C ARG A 94 8.86 13.34 -28.38
N VAL A 95 8.33 12.61 -27.39
CA VAL A 95 8.72 12.63 -25.97
C VAL A 95 9.77 11.53 -25.75
N PRO A 96 10.57 11.52 -24.65
CA PRO A 96 11.59 10.46 -24.49
C PRO A 96 11.08 9.04 -24.31
N TYR A 97 9.89 8.83 -23.69
CA TYR A 97 9.43 7.46 -23.48
C TYR A 97 8.06 7.10 -24.08
N HIS A 98 7.01 7.87 -23.75
CA HIS A 98 5.64 7.62 -24.20
C HIS A 98 5.39 8.02 -25.66
N ASN A 99 6.18 7.42 -26.55
CA ASN A 99 6.16 7.67 -27.99
C ASN A 99 5.71 6.45 -28.79
N TRP A 100 5.82 6.52 -30.14
CA TRP A 100 5.46 5.48 -31.11
C TRP A 100 6.16 4.15 -30.80
N LYS A 101 7.44 4.20 -30.37
CA LYS A 101 8.23 3.02 -30.02
C LYS A 101 7.60 2.26 -28.85
N HIS A 102 7.11 2.99 -27.83
CA HIS A 102 6.47 2.39 -26.65
C HIS A 102 5.22 1.60 -27.04
N ALA A 103 4.36 2.22 -27.88
CA ALA A 103 3.12 1.68 -28.41
C ALA A 103 3.31 0.33 -29.11
N VAL A 104 4.33 0.22 -29.98
CA VAL A 104 4.61 -1.02 -30.72
C VAL A 104 5.16 -2.09 -29.78
N THR A 105 5.96 -1.69 -28.76
CA THR A 105 6.53 -2.61 -27.77
C THR A 105 5.37 -3.21 -26.94
N VAL A 106 4.41 -2.37 -26.54
CA VAL A 106 3.24 -2.80 -25.75
C VAL A 106 2.37 -3.74 -26.59
N ALA A 107 2.12 -3.37 -27.87
CA ALA A 107 1.36 -4.15 -28.84
C ALA A 107 2.01 -5.49 -29.10
N HIS A 108 3.36 -5.54 -29.20
CA HIS A 108 4.07 -6.81 -29.41
C HIS A 108 3.91 -7.74 -28.22
N CYS A 109 4.01 -7.20 -26.99
CA CYS A 109 3.85 -8.03 -25.79
C CYS A 109 2.44 -8.61 -25.75
N MET A 110 1.43 -7.81 -26.16
CA MET A 110 0.04 -8.27 -26.23
C MET A 110 -0.07 -9.42 -27.23
N TYR A 111 0.57 -9.28 -28.42
CA TYR A 111 0.59 -10.29 -29.46
C TYR A 111 1.14 -11.59 -28.92
N ALA A 112 2.30 -11.53 -28.22
CA ALA A 112 2.94 -12.71 -27.62
C ALA A 112 2.04 -13.38 -26.60
N ILE A 113 1.36 -12.61 -25.74
CA ILE A 113 0.42 -13.17 -24.73
C ILE A 113 -0.77 -13.83 -25.44
N LEU A 114 -1.38 -13.14 -26.42
CA LEU A 114 -2.52 -13.64 -27.18
C LEU A 114 -2.15 -14.90 -27.95
N GLN A 115 -0.97 -14.95 -28.60
CA GLN A 115 -0.48 -16.11 -29.34
C GLN A 115 -0.36 -17.36 -28.47
N ASN A 116 0.11 -17.19 -27.22
CA ASN A 116 0.29 -18.28 -26.25
C ASN A 116 -0.99 -18.68 -25.48
N ASN A 117 -2.10 -17.94 -25.65
CA ASN A 117 -3.39 -18.20 -24.99
C ASN A 117 -4.55 -17.87 -25.94
N HIS A 118 -4.33 -18.10 -27.26
CA HIS A 118 -5.21 -17.79 -28.38
C HIS A 118 -6.71 -18.09 -28.18
N THR A 119 -7.06 -19.33 -27.82
CA THR A 119 -8.46 -19.72 -27.68
C THR A 119 -9.15 -19.19 -26.43
N LEU A 120 -8.39 -18.73 -25.41
CA LEU A 120 -8.99 -18.19 -24.19
C LEU A 120 -9.72 -16.87 -24.42
N PHE A 121 -9.36 -16.14 -25.50
CA PHE A 121 -9.94 -14.86 -25.87
C PHE A 121 -10.67 -14.93 -27.20
N THR A 122 -11.73 -14.14 -27.34
CA THR A 122 -12.55 -14.11 -28.55
C THR A 122 -11.85 -13.33 -29.66
N ASP A 123 -12.36 -13.47 -30.91
CA ASP A 123 -11.84 -12.77 -32.09
C ASP A 123 -11.93 -11.26 -31.86
N LEU A 124 -13.08 -10.81 -31.31
CA LEU A 124 -13.37 -9.42 -30.99
C LEU A 124 -12.39 -8.87 -29.92
N GLU A 125 -12.08 -9.69 -28.88
CA GLU A 125 -11.14 -9.31 -27.82
C GLU A 125 -9.71 -9.19 -28.35
N ARG A 126 -9.26 -10.12 -29.21
CA ARG A 126 -7.91 -10.12 -29.79
C ARG A 126 -7.69 -8.88 -30.65
N LYS A 127 -8.72 -8.49 -31.43
CA LYS A 127 -8.71 -7.32 -32.30
C LYS A 127 -8.71 -6.04 -31.47
N GLY A 128 -9.58 -6.00 -30.46
CA GLY A 128 -9.72 -4.86 -29.56
C GLY A 128 -8.50 -4.59 -28.72
N LEU A 129 -7.85 -5.66 -28.20
CA LEU A 129 -6.68 -5.55 -27.33
C LEU A 129 -5.40 -5.14 -28.06
N LEU A 130 -5.23 -5.55 -29.33
CA LEU A 130 -4.06 -5.17 -30.11
C LEU A 130 -4.17 -3.71 -30.51
N ILE A 131 -5.40 -3.26 -30.86
CA ILE A 131 -5.69 -1.87 -31.24
C ILE A 131 -5.56 -0.98 -29.99
N ALA A 132 -6.11 -1.44 -28.84
CA ALA A 132 -6.02 -0.69 -27.58
C ALA A 132 -4.56 -0.51 -27.17
N CYS A 133 -3.72 -1.54 -27.34
CA CYS A 133 -2.30 -1.49 -27.00
C CYS A 133 -1.54 -0.46 -27.85
N LEU A 134 -1.84 -0.41 -29.16
CA LEU A 134 -1.19 0.54 -30.06
C LEU A 134 -1.63 1.98 -29.79
N CYS A 135 -2.85 2.16 -29.26
CA CYS A 135 -3.48 3.46 -28.96
C CYS A 135 -3.48 3.88 -27.49
N HIS A 136 -3.01 3.01 -26.57
CA HIS A 136 -3.08 3.20 -25.11
C HIS A 136 -2.40 4.47 -24.59
N ASP A 137 -1.42 5.04 -25.31
CA ASP A 137 -0.74 6.27 -24.87
C ASP A 137 -0.77 7.38 -25.94
N LEU A 138 -1.82 7.38 -26.79
CA LEU A 138 -2.02 8.34 -27.87
C LEU A 138 -2.04 9.78 -27.39
N ASP A 139 -1.18 10.62 -27.98
CA ASP A 139 -1.04 12.05 -27.66
C ASP A 139 -0.55 12.31 -26.22
N HIS A 140 0.38 11.45 -25.72
CA HIS A 140 0.94 11.62 -24.38
C HIS A 140 1.89 12.83 -24.43
N ARG A 141 1.66 13.82 -23.55
CA ARG A 141 2.46 15.05 -23.50
C ARG A 141 3.75 14.94 -22.65
N GLY A 142 4.00 13.75 -22.09
CA GLY A 142 5.16 13.49 -21.26
C GLY A 142 5.00 13.87 -19.81
N PHE A 143 3.74 14.08 -19.36
CA PHE A 143 3.41 14.44 -17.98
C PHE A 143 2.46 13.44 -17.34
N SER A 144 2.65 13.14 -16.04
CA SER A 144 1.83 12.20 -15.27
C SER A 144 0.49 12.82 -14.87
N ASN A 145 -0.47 11.98 -14.42
CA ASN A 145 -1.80 12.42 -13.97
C ASN A 145 -1.75 13.31 -12.74
N SER A 146 -0.79 13.06 -11.83
CA SER A 146 -0.60 13.83 -10.61
C SER A 146 -0.15 15.26 -10.93
N TYR A 147 0.68 15.43 -11.99
CA TYR A 147 1.16 16.74 -12.44
C TYR A 147 0.00 17.61 -12.94
N LEU A 148 -0.79 17.09 -13.89
CA LEU A 148 -1.94 17.76 -14.50
C LEU A 148 -3.00 18.15 -13.49
N GLN A 149 -3.25 17.29 -12.49
CA GLN A 149 -4.23 17.53 -11.42
C GLN A 149 -3.75 18.59 -10.42
N LYS A 150 -2.44 18.62 -10.13
CA LYS A 150 -1.81 19.57 -9.19
C LYS A 150 -1.71 20.97 -9.80
N PHE A 151 -1.32 21.05 -11.09
CA PHE A 151 -1.15 22.33 -11.78
C PHE A 151 -2.36 22.75 -12.63
N ASP A 152 -3.54 22.15 -12.36
CA ASP A 152 -4.85 22.41 -13.01
C ASP A 152 -4.77 22.55 -14.54
N HIS A 153 -4.24 21.52 -15.22
CA HIS A 153 -4.12 21.48 -16.68
C HIS A 153 -5.52 21.26 -17.28
N PRO A 154 -5.87 21.89 -18.44
CA PRO A 154 -7.22 21.69 -19.03
C PRO A 154 -7.73 20.25 -19.08
N LEU A 155 -6.84 19.27 -19.35
CA LEU A 155 -7.15 17.84 -19.42
C LEU A 155 -7.70 17.30 -18.09
N ALA A 156 -7.15 17.78 -16.95
CA ALA A 156 -7.55 17.38 -15.61
C ALA A 156 -8.95 17.88 -15.24
N ALA A 157 -9.34 19.04 -15.81
CA ALA A 157 -10.66 19.64 -15.59
C ALA A 157 -11.72 18.84 -16.35
N LEU A 158 -11.34 18.34 -17.55
CA LEU A 158 -12.19 17.54 -18.42
C LEU A 158 -12.32 16.08 -17.91
N TYR A 159 -11.25 15.52 -17.29
CA TYR A 159 -11.22 14.16 -16.74
C TYR A 159 -10.64 14.17 -15.30
N SER A 160 -11.52 14.03 -14.28
CA SER A 160 -11.19 14.05 -12.85
C SER A 160 -10.21 12.94 -12.39
N THR A 161 -10.43 11.69 -12.81
CA THR A 161 -9.58 10.54 -12.47
C THR A 161 -9.14 9.87 -13.77
N SER A 162 -7.95 9.20 -13.76
CA SER A 162 -7.35 8.53 -14.94
C SER A 162 -7.32 9.50 -16.14
N THR A 163 -6.92 10.76 -15.84
CA THR A 163 -6.84 11.92 -16.73
C THR A 163 -6.32 11.57 -18.13
N MET A 164 -5.04 11.18 -18.24
CA MET A 164 -4.43 10.85 -19.53
C MET A 164 -5.09 9.66 -20.22
N GLU A 165 -5.46 8.61 -19.47
CA GLU A 165 -6.08 7.38 -20.00
C GLU A 165 -7.44 7.64 -20.63
N GLN A 166 -8.22 8.56 -20.03
CA GLN A 166 -9.53 8.96 -20.55
C GLN A 166 -9.31 9.76 -21.83
N HIS A 167 -8.17 10.49 -21.93
CA HIS A 167 -7.80 11.28 -23.11
C HIS A 167 -7.33 10.34 -24.22
N HIS A 168 -6.51 9.31 -23.89
CA HIS A 168 -6.01 8.34 -24.86
C HIS A 168 -7.16 7.61 -25.57
N PHE A 169 -8.24 7.25 -24.82
CA PHE A 169 -9.41 6.58 -25.40
C PHE A 169 -10.17 7.52 -26.33
N SER A 170 -10.30 8.81 -25.94
CA SER A 170 -10.98 9.83 -26.74
C SER A 170 -10.27 10.03 -28.08
N GLN A 171 -8.91 9.99 -28.09
CA GLN A 171 -8.07 10.13 -29.28
C GLN A 171 -8.19 8.91 -30.18
N THR A 172 -8.41 7.71 -29.57
CA THR A 172 -8.57 6.44 -30.30
C THR A 172 -9.86 6.51 -31.12
N VAL A 173 -10.97 6.96 -30.49
CA VAL A 173 -12.30 7.12 -31.09
C VAL A 173 -12.23 8.13 -32.24
N SER A 174 -11.50 9.25 -32.02
CA SER A 174 -11.30 10.32 -32.99
C SER A 174 -10.57 9.84 -34.25
N ILE A 175 -9.53 8.97 -34.09
CA ILE A 175 -8.78 8.42 -35.23
C ILE A 175 -9.71 7.52 -36.06
N LEU A 176 -10.54 6.70 -35.38
CA LEU A 176 -11.52 5.81 -36.01
C LEU A 176 -12.60 6.61 -36.76
N GLN A 177 -12.96 7.80 -36.22
CA GLN A 177 -13.96 8.69 -36.81
C GLN A 177 -13.50 9.39 -38.10
N LEU A 178 -12.21 9.24 -38.46
CA LEU A 178 -11.64 9.83 -39.68
C LEU A 178 -12.09 9.04 -40.92
N GLU A 179 -12.08 9.70 -42.09
CA GLU A 179 -12.47 9.13 -43.38
C GLU A 179 -11.54 7.99 -43.80
N GLY A 180 -12.12 6.81 -44.01
CA GLY A 180 -11.40 5.60 -44.41
C GLY A 180 -10.54 4.97 -43.33
N HIS A 181 -10.74 5.39 -42.07
CA HIS A 181 -9.99 4.89 -40.91
C HIS A 181 -10.78 3.93 -40.02
N ASN A 182 -12.14 3.92 -40.11
CA ASN A 182 -12.98 3.05 -39.29
C ASN A 182 -12.82 1.57 -39.65
N ILE A 183 -11.84 0.93 -38.99
CA ILE A 183 -11.49 -0.48 -39.16
C ILE A 183 -12.54 -1.43 -38.58
N PHE A 184 -13.39 -0.92 -37.68
CA PHE A 184 -14.43 -1.71 -37.02
C PHE A 184 -15.85 -1.51 -37.61
N SER A 185 -15.97 -0.72 -38.69
CA SER A 185 -17.26 -0.44 -39.36
C SER A 185 -17.98 -1.67 -39.92
N THR A 186 -17.22 -2.72 -40.29
CA THR A 186 -17.78 -3.97 -40.84
C THR A 186 -18.34 -4.92 -39.75
N LEU A 187 -18.21 -4.55 -38.46
CA LEU A 187 -18.75 -5.34 -37.34
C LEU A 187 -20.21 -4.97 -37.15
N SER A 188 -21.00 -5.87 -36.56
CA SER A 188 -22.43 -5.62 -36.28
C SER A 188 -22.53 -4.55 -35.19
N SER A 189 -23.66 -3.82 -35.11
CA SER A 189 -23.88 -2.76 -34.12
C SER A 189 -23.52 -3.18 -32.69
N SER A 190 -23.95 -4.39 -32.26
CA SER A 190 -23.67 -4.91 -30.92
C SER A 190 -22.18 -5.24 -30.74
N GLU A 191 -21.51 -5.73 -31.81
CA GLU A 191 -20.09 -6.08 -31.78
C GLU A 191 -19.19 -4.85 -31.76
N TYR A 192 -19.61 -3.79 -32.48
CA TYR A 192 -18.90 -2.52 -32.54
C TYR A 192 -18.96 -1.87 -31.15
N GLU A 193 -20.12 -1.94 -30.50
CA GLU A 193 -20.36 -1.40 -29.16
C GLU A 193 -19.45 -2.16 -28.18
N GLN A 194 -19.40 -3.50 -28.32
CA GLN A 194 -18.57 -4.40 -27.52
C GLN A 194 -17.08 -4.14 -27.69
N VAL A 195 -16.59 -3.95 -28.95
CA VAL A 195 -15.16 -3.70 -29.19
C VAL A 195 -14.74 -2.34 -28.59
N LEU A 196 -15.60 -1.31 -28.69
CA LEU A 196 -15.31 0.00 -28.13
C LEU A 196 -15.28 -0.02 -26.60
N GLU A 197 -16.04 -0.95 -25.97
CA GLU A 197 -16.04 -1.10 -24.51
C GLU A 197 -14.80 -1.89 -24.06
N ILE A 198 -14.37 -2.91 -24.87
CA ILE A 198 -13.15 -3.70 -24.59
C ILE A 198 -11.96 -2.73 -24.58
N ILE A 199 -11.86 -1.87 -25.61
CA ILE A 199 -10.82 -0.86 -25.81
C ILE A 199 -10.80 0.17 -24.66
N ARG A 200 -11.98 0.72 -24.32
CA ARG A 200 -12.14 1.70 -23.23
C ARG A 200 -11.56 1.18 -21.93
N LYS A 201 -12.07 0.03 -21.45
CA LYS A 201 -11.65 -0.61 -20.21
C LYS A 201 -10.17 -0.98 -20.22
N ALA A 202 -9.65 -1.43 -21.39
CA ALA A 202 -8.25 -1.81 -21.53
C ALA A 202 -7.33 -0.59 -21.38
N ILE A 203 -7.66 0.52 -22.08
CA ILE A 203 -6.88 1.76 -22.01
C ILE A 203 -6.94 2.34 -20.58
N ILE A 204 -8.13 2.36 -19.93
CA ILE A 204 -8.27 2.87 -18.55
C ILE A 204 -7.40 2.05 -17.59
N ALA A 205 -7.37 0.71 -17.77
CA ALA A 205 -6.58 -0.21 -16.95
C ALA A 205 -5.08 0.10 -16.97
N THR A 206 -4.57 0.81 -18.01
CA THR A 206 -3.15 1.17 -18.10
C THR A 206 -2.78 2.28 -17.08
N ASP A 207 -3.78 2.83 -16.35
CA ASP A 207 -3.54 3.83 -15.31
C ASP A 207 -3.03 2.99 -14.15
N LEU A 208 -1.71 3.08 -13.87
CA LEU A 208 -1.02 2.33 -12.83
C LEU A 208 -1.67 2.41 -11.44
N ALA A 209 -2.33 3.54 -11.13
CA ALA A 209 -3.01 3.75 -9.85
C ALA A 209 -4.11 2.69 -9.63
N LEU A 210 -4.70 2.18 -10.73
CA LEU A 210 -5.77 1.18 -10.69
C LEU A 210 -5.25 -0.25 -10.63
N TYR A 211 -3.99 -0.47 -11.05
CA TYR A 211 -3.36 -1.78 -11.09
C TYR A 211 -3.31 -2.50 -9.72
N PHE A 212 -2.83 -1.79 -8.69
CA PHE A 212 -2.63 -2.30 -7.34
C PHE A 212 -3.87 -2.98 -6.76
N GLY A 213 -5.03 -2.32 -6.90
CA GLY A 213 -6.30 -2.86 -6.45
C GLY A 213 -6.75 -4.03 -7.31
N ASN A 214 -6.50 -3.94 -8.64
CA ASN A 214 -6.87 -4.99 -9.60
C ASN A 214 -6.10 -6.28 -9.38
N ARG A 215 -4.79 -6.18 -9.13
CA ARG A 215 -3.93 -7.34 -8.91
C ARG A 215 -4.29 -8.00 -7.56
N LYS A 216 -4.62 -7.17 -6.54
CA LYS A 216 -5.02 -7.65 -5.20
C LYS A 216 -6.31 -8.46 -5.26
N GLN A 217 -7.28 -8.05 -6.09
CA GLN A 217 -8.56 -8.73 -6.26
C GLN A 217 -8.34 -10.06 -6.99
N LEU A 218 -7.50 -10.07 -8.05
CA LEU A 218 -7.18 -11.25 -8.84
C LEU A 218 -6.43 -12.28 -8.02
N GLU A 219 -5.53 -11.83 -7.12
CA GLU A 219 -4.77 -12.71 -6.23
C GLU A 219 -5.75 -13.44 -5.31
N GLU A 220 -6.73 -12.70 -4.74
CA GLU A 220 -7.79 -13.19 -3.85
C GLU A 220 -8.67 -14.22 -4.58
N MET A 221 -9.08 -13.91 -5.83
CA MET A 221 -9.91 -14.77 -6.68
C MET A 221 -9.18 -16.05 -7.07
N TYR A 222 -7.86 -15.96 -7.31
CA TYR A 222 -7.03 -17.11 -7.69
C TYR A 222 -6.80 -18.05 -6.50
N GLN A 223 -6.35 -17.50 -5.34
CA GLN A 223 -6.07 -18.24 -4.11
C GLN A 223 -7.27 -19.06 -3.61
N THR A 224 -8.48 -18.45 -3.64
CA THR A 224 -9.73 -19.06 -3.21
C THR A 224 -10.30 -20.03 -4.26
N GLY A 225 -9.79 -19.92 -5.49
CA GLY A 225 -10.22 -20.73 -6.62
C GLY A 225 -11.55 -20.31 -7.20
N SER A 226 -11.96 -19.06 -6.92
CA SER A 226 -13.22 -18.49 -7.41
C SER A 226 -13.08 -17.83 -8.79
N LEU A 227 -11.83 -17.68 -9.28
CA LEU A 227 -11.55 -17.09 -10.59
C LEU A 227 -12.17 -17.92 -11.71
N ASN A 228 -13.09 -17.29 -12.45
CA ASN A 228 -13.82 -17.91 -13.55
C ASN A 228 -13.75 -17.02 -14.78
N LEU A 229 -13.15 -17.51 -15.88
CA LEU A 229 -12.99 -16.77 -17.14
C LEU A 229 -14.32 -16.53 -17.87
N ASN A 230 -15.37 -17.28 -17.51
CA ASN A 230 -16.71 -17.14 -18.07
C ASN A 230 -17.42 -15.91 -17.49
N ASN A 231 -17.02 -15.49 -16.28
CA ASN A 231 -17.53 -14.33 -15.54
C ASN A 231 -16.90 -13.06 -16.16
N GLN A 232 -17.73 -12.19 -16.78
CA GLN A 232 -17.32 -10.94 -17.43
C GLN A 232 -16.53 -9.99 -16.51
N SER A 233 -16.91 -9.90 -15.22
CA SER A 233 -16.21 -9.03 -14.26
C SER A 233 -14.78 -9.56 -14.01
N HIS A 234 -14.61 -10.89 -13.99
CA HIS A 234 -13.30 -11.54 -13.81
C HIS A 234 -12.46 -11.38 -15.09
N ARG A 235 -13.13 -11.48 -16.26
CA ARG A 235 -12.55 -11.34 -17.59
C ARG A 235 -11.90 -9.96 -17.76
N ASP A 236 -12.66 -8.90 -17.42
CA ASP A 236 -12.22 -7.51 -17.47
C ASP A 236 -11.00 -7.29 -16.57
N ARG A 237 -10.97 -7.93 -15.37
CA ARG A 237 -9.87 -7.84 -14.42
C ARG A 237 -8.61 -8.50 -14.99
N VAL A 238 -8.75 -9.69 -15.63
CA VAL A 238 -7.64 -10.46 -16.25
C VAL A 238 -7.03 -9.63 -17.40
N ILE A 239 -7.90 -9.09 -18.28
CA ILE A 239 -7.50 -8.25 -19.41
C ILE A 239 -6.77 -6.99 -18.89
N GLY A 240 -7.24 -6.43 -17.77
CA GLY A 240 -6.65 -5.27 -17.13
C GLY A 240 -5.22 -5.54 -16.68
N LEU A 241 -4.97 -6.74 -16.13
CA LEU A 241 -3.64 -7.16 -15.68
C LEU A 241 -2.74 -7.38 -16.89
N MET A 242 -3.31 -7.91 -17.99
CA MET A 242 -2.60 -8.15 -19.25
C MET A 242 -2.10 -6.82 -19.80
N MET A 243 -2.96 -5.79 -19.70
CA MET A 243 -2.64 -4.41 -20.13
C MET A 243 -1.47 -3.86 -19.32
N THR A 244 -1.46 -4.09 -17.98
CA THR A 244 -0.37 -3.63 -17.11
C THR A 244 0.91 -4.37 -17.49
N ALA A 245 0.83 -5.71 -17.62
CA ALA A 245 1.96 -6.57 -18.00
C ALA A 245 2.59 -6.14 -19.31
N CYS A 246 1.77 -5.71 -20.30
CA CYS A 246 2.24 -5.23 -21.61
C CYS A 246 2.87 -3.86 -21.47
N ASP A 247 2.22 -2.97 -20.70
CA ASP A 247 2.70 -1.60 -20.45
C ASP A 247 4.07 -1.60 -19.74
N LEU A 248 4.33 -2.60 -18.90
CA LEU A 248 5.60 -2.69 -18.17
C LEU A 248 6.62 -3.68 -18.78
N CYS A 249 6.33 -4.28 -19.97
CA CYS A 249 7.16 -5.32 -20.62
C CYS A 249 8.64 -4.95 -20.84
N SER A 250 9.04 -3.67 -20.76
CA SER A 250 10.45 -3.30 -20.93
C SER A 250 11.33 -3.94 -19.84
N VAL A 251 10.70 -4.30 -18.68
CA VAL A 251 11.38 -4.97 -17.57
C VAL A 251 11.55 -6.48 -17.85
N THR A 252 10.97 -6.97 -18.97
CA THR A 252 11.04 -8.39 -19.36
C THR A 252 11.96 -8.63 -20.57
N LYS A 253 12.73 -7.61 -20.97
CA LYS A 253 13.65 -7.72 -22.09
C LYS A 253 15.04 -8.04 -21.57
N LEU A 254 16.02 -8.31 -22.47
CA LEU A 254 17.39 -8.61 -22.06
C LEU A 254 17.96 -7.38 -21.37
N TRP A 255 18.77 -7.57 -20.30
CA TRP A 255 19.36 -6.49 -19.50
C TRP A 255 19.81 -5.24 -20.31
N PRO A 256 20.60 -5.31 -21.42
CA PRO A 256 20.98 -4.07 -22.13
C PRO A 256 19.80 -3.27 -22.71
N VAL A 257 18.73 -3.97 -23.13
CA VAL A 257 17.51 -3.34 -23.68
C VAL A 257 16.77 -2.65 -22.51
N THR A 258 16.58 -3.37 -21.38
CA THR A 258 15.94 -2.89 -20.16
C THR A 258 16.66 -1.62 -19.65
N LYS A 259 18.02 -1.69 -19.58
CA LYS A 259 18.91 -0.60 -19.15
C LYS A 259 18.70 0.68 -19.99
N LEU A 260 18.67 0.54 -21.33
CA LEU A 260 18.48 1.67 -22.24
C LEU A 260 17.08 2.30 -22.12
N THR A 261 16.03 1.47 -21.95
CA THR A 261 14.64 1.94 -21.79
C THR A 261 14.49 2.72 -20.47
N ALA A 262 15.23 2.31 -19.42
CA ALA A 262 15.20 2.99 -18.12
C ALA A 262 15.70 4.44 -18.27
N ASN A 263 16.71 4.66 -19.14
CA ASN A 263 17.26 6.00 -19.41
C ASN A 263 16.20 6.88 -20.06
N ASP A 264 15.39 6.30 -20.97
CA ASP A 264 14.31 6.99 -21.68
C ASP A 264 13.16 7.41 -20.75
N ILE A 265 12.69 6.51 -19.84
CA ILE A 265 11.60 6.88 -18.92
C ILE A 265 12.08 7.91 -17.89
N TYR A 266 13.34 7.79 -17.41
CA TYR A 266 13.88 8.73 -16.44
C TYR A 266 14.11 10.11 -17.07
N ALA A 267 14.42 10.17 -18.39
CA ALA A 267 14.58 11.44 -19.12
C ALA A 267 13.21 12.15 -19.14
N GLU A 268 12.11 11.38 -19.20
CA GLU A 268 10.76 11.94 -19.18
C GLU A 268 10.36 12.35 -17.76
N PHE A 269 10.72 11.53 -16.74
CA PHE A 269 10.43 11.80 -15.32
C PHE A 269 11.17 13.06 -14.84
N TRP A 270 12.48 13.14 -15.17
CA TRP A 270 13.34 14.28 -14.80
C TRP A 270 12.87 15.57 -15.45
N ALA A 271 12.43 15.51 -16.73
CA ALA A 271 11.90 16.67 -17.46
C ALA A 271 10.63 17.20 -16.76
N GLU A 272 9.79 16.29 -16.20
CA GLU A 272 8.57 16.64 -15.46
C GLU A 272 8.97 17.32 -14.14
N GLY A 273 10.03 16.82 -13.51
CA GLY A 273 10.57 17.37 -12.26
C GLY A 273 11.16 18.74 -12.49
N ASP A 274 11.87 18.92 -13.63
CA ASP A 274 12.49 20.19 -14.05
C ASP A 274 11.42 21.27 -14.19
N GLU A 275 10.22 20.88 -14.67
CA GLU A 275 9.06 21.76 -14.83
C GLU A 275 8.52 22.17 -13.48
N MET A 276 8.46 21.21 -12.52
CA MET A 276 7.99 21.44 -11.15
C MET A 276 8.95 22.40 -10.44
N LYS A 277 10.27 22.21 -10.67
CA LYS A 277 11.36 23.02 -10.11
C LYS A 277 11.27 24.48 -10.59
N LYS A 278 10.85 24.70 -11.87
CA LYS A 278 10.68 26.02 -12.49
C LYS A 278 9.55 26.80 -11.79
N LEU A 279 8.65 26.08 -11.11
CA LEU A 279 7.50 26.63 -10.38
C LEU A 279 7.76 26.71 -8.87
N GLY A 280 8.96 26.30 -8.44
CA GLY A 280 9.38 26.32 -7.05
C GLY A 280 9.02 25.10 -6.22
N ILE A 281 8.31 24.12 -6.83
CA ILE A 281 7.88 22.88 -6.16
C ILE A 281 8.93 21.79 -6.36
N GLN A 282 9.43 21.21 -5.25
CA GLN A 282 10.43 20.15 -5.32
C GLN A 282 9.74 18.83 -5.71
N PRO A 283 10.21 18.13 -6.76
CA PRO A 283 9.57 16.86 -7.12
C PRO A 283 10.02 15.72 -6.21
N ILE A 284 9.45 14.53 -6.40
CA ILE A 284 9.83 13.33 -5.63
C ILE A 284 11.24 12.92 -6.11
N PRO A 285 12.10 12.27 -5.29
CA PRO A 285 13.45 11.89 -5.77
C PRO A 285 13.52 11.27 -7.18
N MET A 286 12.56 10.38 -7.54
CA MET A 286 12.45 9.69 -8.83
C MET A 286 12.35 10.68 -10.01
N MET A 287 11.74 11.85 -9.78
CA MET A 287 11.57 12.88 -10.81
C MET A 287 12.66 13.97 -10.74
N ASP A 288 13.60 13.82 -9.80
CA ASP A 288 14.70 14.77 -9.58
C ASP A 288 16.00 14.26 -10.23
N ARG A 289 16.49 14.97 -11.27
CA ARG A 289 17.73 14.62 -11.97
C ARG A 289 18.99 14.84 -11.12
N ASP A 290 18.87 15.59 -10.01
CA ASP A 290 19.99 15.81 -9.10
C ASP A 290 20.05 14.64 -8.08
N LYS A 291 19.12 13.67 -8.20
CA LYS A 291 19.03 12.51 -7.32
C LYS A 291 19.12 11.16 -8.08
N LYS A 292 19.94 11.12 -9.16
CA LYS A 292 20.19 9.93 -10.01
C LYS A 292 20.69 8.71 -9.21
N ASP A 293 21.49 8.92 -8.15
CA ASP A 293 22.05 7.85 -7.28
C ASP A 293 20.97 6.95 -6.66
N GLU A 294 19.76 7.51 -6.43
CA GLU A 294 18.62 6.83 -5.84
C GLU A 294 17.83 5.96 -6.83
N VAL A 295 18.12 6.06 -8.15
CA VAL A 295 17.45 5.32 -9.23
C VAL A 295 17.58 3.77 -9.03
N PRO A 296 18.78 3.15 -8.84
CA PRO A 296 18.81 1.68 -8.63
C PRO A 296 17.96 1.18 -7.47
N GLN A 297 17.93 1.91 -6.32
CA GLN A 297 17.12 1.55 -5.14
C GLN A 297 15.63 1.74 -5.46
N GLY A 298 15.33 2.80 -6.23
CA GLY A 298 13.98 3.11 -6.68
C GLY A 298 13.45 2.02 -7.61
N GLN A 299 14.35 1.49 -8.47
CA GLN A 299 14.09 0.40 -9.42
C GLN A 299 13.80 -0.87 -8.65
N LEU A 300 14.62 -1.17 -7.61
CA LEU A 300 14.46 -2.34 -6.74
C LEU A 300 13.04 -2.34 -6.13
N GLY A 301 12.62 -1.18 -5.63
CA GLY A 301 11.28 -0.99 -5.04
C GLY A 301 10.17 -1.20 -6.05
N PHE A 302 10.38 -0.74 -7.31
CA PHE A 302 9.41 -0.88 -8.40
C PHE A 302 9.25 -2.35 -8.78
N TYR A 303 10.35 -3.12 -8.85
CA TYR A 303 10.29 -4.54 -9.20
C TYR A 303 9.61 -5.33 -8.09
N ASN A 304 9.98 -5.11 -6.82
CA ASN A 304 9.41 -5.81 -5.65
C ASN A 304 7.93 -5.53 -5.42
N ALA A 305 7.51 -4.26 -5.57
CA ALA A 305 6.12 -3.88 -5.31
C ALA A 305 5.20 -3.76 -6.54
N VAL A 306 5.74 -3.58 -7.76
CA VAL A 306 4.91 -3.42 -8.96
C VAL A 306 5.11 -4.55 -10.02
N ALA A 307 6.30 -4.61 -10.65
CA ALA A 307 6.66 -5.55 -11.72
C ALA A 307 6.57 -7.05 -11.35
N ILE A 308 7.34 -7.51 -10.34
CA ILE A 308 7.32 -8.92 -9.88
C ILE A 308 5.89 -9.36 -9.51
N PRO A 309 5.11 -8.64 -8.65
CA PRO A 309 3.73 -9.10 -8.35
C PRO A 309 2.82 -9.19 -9.57
N CYS A 310 3.01 -8.30 -10.57
CA CYS A 310 2.23 -8.25 -11.81
C CYS A 310 2.41 -9.54 -12.62
N TYR A 311 3.67 -9.87 -12.93
CA TYR A 311 4.03 -11.05 -13.70
C TYR A 311 3.81 -12.34 -12.92
N THR A 312 3.86 -12.30 -11.57
CA THR A 312 3.61 -13.48 -10.73
C THR A 312 2.13 -13.86 -10.88
N THR A 313 1.23 -12.89 -10.69
CA THR A 313 -0.23 -13.07 -10.83
C THR A 313 -0.60 -13.49 -12.24
N LEU A 314 0.02 -12.85 -13.26
CA LEU A 314 -0.22 -13.14 -14.68
C LEU A 314 0.16 -14.58 -15.02
N THR A 315 1.29 -15.07 -14.47
CA THR A 315 1.77 -16.45 -14.68
C THR A 315 0.80 -17.45 -14.04
N GLN A 316 0.27 -17.12 -12.83
CA GLN A 316 -0.69 -17.95 -12.09
C GLN A 316 -1.98 -18.16 -12.89
N ILE A 317 -2.51 -17.07 -13.48
CA ILE A 317 -3.74 -17.08 -14.28
C ILE A 317 -3.47 -17.69 -15.67
N LEU A 318 -2.43 -17.19 -16.36
CA LEU A 318 -2.04 -17.63 -17.70
C LEU A 318 -0.63 -18.27 -17.67
N PRO A 319 -0.53 -19.60 -17.36
CA PRO A 319 0.79 -20.25 -17.29
C PRO A 319 1.73 -20.04 -18.49
N PRO A 320 1.31 -20.02 -19.79
CA PRO A 320 2.29 -19.78 -20.87
C PRO A 320 3.02 -18.42 -20.84
N THR A 321 2.62 -17.52 -19.93
CA THR A 321 3.25 -16.20 -19.79
C THR A 321 4.44 -16.24 -18.82
N GLU A 322 4.78 -17.46 -18.31
CA GLU A 322 5.90 -17.73 -17.41
C GLU A 322 7.22 -17.05 -17.87
N PRO A 323 7.62 -17.06 -19.18
CA PRO A 323 8.88 -16.39 -19.55
C PRO A 323 8.96 -14.91 -19.19
N LEU A 324 7.81 -14.20 -19.04
CA LEU A 324 7.81 -12.79 -18.65
C LEU A 324 8.28 -12.62 -17.21
N LEU A 325 7.80 -13.49 -16.29
CA LEU A 325 8.19 -13.47 -14.88
C LEU A 325 9.68 -13.80 -14.72
N LYS A 326 10.18 -14.81 -15.48
CA LYS A 326 11.57 -15.25 -15.49
C LYS A 326 12.49 -14.09 -15.90
N ALA A 327 12.16 -13.40 -17.01
CA ALA A 327 12.93 -12.27 -17.51
C ALA A 327 12.88 -11.06 -16.57
N CYS A 328 11.74 -10.86 -15.88
CA CYS A 328 11.58 -9.77 -14.91
C CYS A 328 12.48 -10.05 -13.69
N ARG A 329 12.49 -11.33 -13.22
CA ARG A 329 13.31 -11.81 -12.09
C ARG A 329 14.80 -11.64 -12.41
N ASP A 330 15.19 -11.89 -13.68
CA ASP A 330 16.56 -11.75 -14.17
C ASP A 330 16.99 -10.28 -14.10
N ASN A 331 16.10 -9.35 -14.48
CA ASN A 331 16.40 -7.92 -14.43
C ASN A 331 16.42 -7.37 -13.01
N LEU A 332 15.62 -7.96 -12.09
CA LEU A 332 15.60 -7.57 -10.67
C LEU A 332 16.99 -7.93 -10.10
N SER A 333 17.47 -9.16 -10.38
CA SER A 333 18.79 -9.67 -9.97
C SER A 333 19.91 -8.77 -10.49
N GLN A 334 19.73 -8.21 -11.71
CA GLN A 334 20.68 -7.29 -12.33
C GLN A 334 20.71 -5.95 -11.61
N TRP A 335 19.53 -5.43 -11.17
CA TRP A 335 19.45 -4.16 -10.43
C TRP A 335 20.04 -4.36 -9.03
N GLU A 336 19.88 -5.56 -8.46
CA GLU A 336 20.42 -5.96 -7.16
C GLU A 336 21.95 -6.02 -7.23
N LYS A 337 22.50 -6.37 -8.41
CA LYS A 337 23.94 -6.43 -8.66
C LYS A 337 24.51 -5.02 -8.74
N VAL A 338 23.71 -4.05 -9.26
CA VAL A 338 24.08 -2.63 -9.37
C VAL A 338 24.24 -2.02 -7.96
N ILE A 339 23.27 -2.27 -7.06
CA ILE A 339 23.26 -1.79 -5.66
C ILE A 339 24.46 -2.36 -4.89
N ARG A 340 24.71 -3.68 -5.02
CA ARG A 340 25.81 -4.40 -4.37
C ARG A 340 27.20 -3.98 -4.89
N GLY A 341 27.26 -3.50 -6.13
CA GLY A 341 28.50 -3.07 -6.78
C GLY A 341 29.00 -3.98 -7.88
N GLU A 342 28.35 -5.16 -8.03
CA GLU A 342 28.66 -6.19 -9.03
C GLU A 342 28.14 -5.79 -10.42
N HIS B 20 23.38 -3.65 20.52
CA HIS B 20 22.74 -2.79 19.54
C HIS B 20 21.59 -1.94 20.11
N MET B 21 20.89 -2.47 21.14
CA MET B 21 19.77 -1.81 21.82
C MET B 21 20.17 -0.50 22.48
N SER B 22 19.26 0.49 22.46
CA SER B 22 19.51 1.79 23.05
C SER B 22 19.34 1.79 24.56
N ILE B 23 20.31 2.38 25.27
CA ILE B 23 20.30 2.47 26.72
C ILE B 23 20.25 3.93 27.17
N CYS B 24 19.61 4.17 28.31
CA CYS B 24 19.49 5.50 28.89
C CYS B 24 20.82 5.87 29.56
N THR B 25 21.02 7.16 29.80
CA THR B 25 22.21 7.66 30.49
C THR B 25 21.94 7.55 32.01
N SER B 26 23.00 7.66 32.83
CA SER B 26 22.90 7.59 34.29
C SER B 26 22.02 8.73 34.83
N GLU B 27 22.18 9.94 34.24
CA GLU B 27 21.46 11.17 34.57
C GLU B 27 19.95 11.05 34.30
N GLU B 28 19.58 10.36 33.19
CA GLU B 28 18.21 10.16 32.76
C GLU B 28 17.37 9.40 33.79
N TRP B 29 17.83 8.22 34.26
CA TRP B 29 17.07 7.44 35.25
C TRP B 29 17.12 8.06 36.65
N GLN B 30 18.23 8.77 37.00
CA GLN B 30 18.39 9.43 38.30
C GLN B 30 17.38 10.57 38.48
N GLY B 31 17.16 11.35 37.41
CA GLY B 31 16.20 12.44 37.40
C GLY B 31 14.78 11.94 37.57
N LEU B 32 14.49 10.75 37.01
CA LEU B 32 13.19 10.08 37.08
C LEU B 32 12.92 9.60 38.50
N MET B 33 13.96 9.07 39.17
CA MET B 33 13.93 8.57 40.55
C MET B 33 13.52 9.68 41.53
N GLN B 34 13.92 10.93 41.23
CA GLN B 34 13.65 12.15 42.00
C GLN B 34 12.25 12.76 41.77
N PHE B 35 11.58 12.37 40.65
CA PHE B 35 10.27 12.91 40.26
C PHE B 35 9.12 12.61 41.24
N THR B 36 8.30 13.64 41.49
CA THR B 36 7.10 13.61 42.32
C THR B 36 6.01 14.35 41.53
N LEU B 37 4.91 13.62 41.25
CA LEU B 37 3.76 14.13 40.51
C LEU B 37 3.02 15.26 41.26
N PRO B 38 2.65 16.38 40.60
CA PRO B 38 1.92 17.44 41.33
C PRO B 38 0.57 16.93 41.82
N VAL B 39 0.21 17.31 43.07
CA VAL B 39 -1.01 16.91 43.78
C VAL B 39 -2.32 17.17 42.98
N ARG B 40 -2.36 18.23 42.15
CA ARG B 40 -3.52 18.60 41.33
C ARG B 40 -3.90 17.54 40.26
N LEU B 41 -2.94 16.69 39.85
CA LEU B 41 -3.14 15.64 38.84
C LEU B 41 -3.50 14.25 39.40
N CYS B 42 -3.50 14.07 40.74
CA CYS B 42 -3.80 12.79 41.40
C CYS B 42 -5.22 12.29 41.12
N LYS B 43 -6.19 13.22 41.07
CA LYS B 43 -7.61 12.93 40.83
C LYS B 43 -7.84 12.51 39.39
N GLU B 44 -7.43 13.38 38.45
CA GLU B 44 -7.56 13.27 36.99
C GLU B 44 -6.99 11.97 36.40
N ILE B 45 -5.78 11.53 36.82
CA ILE B 45 -5.12 10.30 36.32
C ILE B 45 -5.99 9.04 36.58
N GLU B 46 -6.87 9.07 37.60
CA GLU B 46 -7.76 7.95 37.90
C GLU B 46 -8.90 7.87 36.86
N LEU B 47 -9.24 9.01 36.23
CA LEU B 47 -10.31 9.12 35.21
C LEU B 47 -9.83 8.64 33.84
N PHE B 48 -10.63 7.79 33.18
CA PHE B 48 -10.37 7.20 31.85
C PHE B 48 -9.99 8.21 30.76
N HIS B 49 -10.69 9.36 30.72
CA HIS B 49 -10.50 10.42 29.72
C HIS B 49 -9.30 11.37 29.95
N PHE B 50 -8.40 11.05 30.92
CA PHE B 50 -7.22 11.89 31.20
C PHE B 50 -6.27 11.97 30.02
N ASP B 51 -5.85 13.21 29.68
CA ASP B 51 -4.93 13.50 28.59
C ASP B 51 -3.55 13.88 29.13
N ILE B 52 -2.53 13.08 28.80
CA ILE B 52 -1.14 13.30 29.22
C ILE B 52 -0.50 14.50 28.48
N GLY B 53 -0.99 14.76 27.25
CA GLY B 53 -0.58 15.81 26.32
C GLY B 53 0.10 17.06 26.84
N PRO B 54 -0.50 17.86 27.75
CA PRO B 54 0.18 19.09 28.21
C PRO B 54 1.30 18.91 29.25
N PHE B 55 1.67 17.65 29.59
CA PHE B 55 2.72 17.39 30.58
C PHE B 55 3.84 16.48 30.06
N GLU B 56 4.49 16.89 28.94
CA GLU B 56 5.58 16.15 28.27
C GLU B 56 6.69 15.67 29.21
N ASN B 57 7.30 16.60 30.01
CA ASN B 57 8.38 16.30 30.94
C ASN B 57 7.99 15.30 32.05
N MET B 58 6.69 15.18 32.34
CA MET B 58 6.13 14.29 33.35
C MET B 58 5.79 12.87 32.85
N TRP B 59 5.73 12.64 31.52
CA TRP B 59 5.35 11.34 30.95
C TRP B 59 6.14 10.14 31.54
N PRO B 60 7.50 10.14 31.66
CA PRO B 60 8.15 8.99 32.30
C PRO B 60 7.76 8.86 33.77
N GLY B 61 7.59 10.01 34.44
CA GLY B 61 7.19 10.12 35.84
C GLY B 61 5.78 9.65 36.11
N ILE B 62 4.90 9.73 35.08
CA ILE B 62 3.51 9.31 35.14
C ILE B 62 3.44 7.77 35.17
N PHE B 63 4.29 7.10 34.35
CA PHE B 63 4.33 5.63 34.32
C PHE B 63 4.83 5.05 35.65
N VAL B 64 5.81 5.71 36.28
CA VAL B 64 6.37 5.29 37.59
C VAL B 64 5.25 5.39 38.62
N TYR B 65 4.55 6.54 38.63
CA TYR B 65 3.43 6.85 39.52
C TYR B 65 2.36 5.77 39.42
N MET B 66 1.95 5.40 38.19
CA MET B 66 0.94 4.38 37.93
C MET B 66 1.38 3.00 38.40
N VAL B 67 2.65 2.62 38.18
CA VAL B 67 3.21 1.33 38.61
C VAL B 67 3.16 1.28 40.16
N HIS B 68 3.57 2.39 40.82
CA HIS B 68 3.58 2.52 42.29
C HIS B 68 2.17 2.54 42.90
N ARG B 69 1.23 3.28 42.28
CA ARG B 69 -0.15 3.40 42.75
C ARG B 69 -0.93 2.09 42.63
N SER B 70 -0.86 1.44 41.45
CA SER B 70 -1.56 0.19 41.16
C SER B 70 -0.92 -1.02 41.85
N CYS B 71 0.36 -1.31 41.56
CA CYS B 71 1.07 -2.46 42.11
C CYS B 71 1.71 -2.19 43.48
N GLY B 72 2.72 -1.32 43.52
CA GLY B 72 3.41 -0.98 44.77
C GLY B 72 4.78 -0.35 44.57
N THR B 73 5.26 0.34 45.62
CA THR B 73 6.55 1.04 45.64
C THR B 73 7.75 0.08 45.75
N SER B 74 7.50 -1.19 46.14
CA SER B 74 8.54 -2.21 46.30
C SER B 74 8.33 -3.47 45.41
N CYS B 75 7.47 -3.36 44.36
CA CYS B 75 7.22 -4.46 43.41
C CYS B 75 8.44 -4.66 42.52
N PHE B 76 9.08 -3.54 42.14
CA PHE B 76 10.30 -3.49 41.33
C PHE B 76 11.29 -2.57 42.03
N GLU B 77 12.60 -2.84 41.87
CA GLU B 77 13.66 -2.02 42.44
C GLU B 77 13.60 -0.68 41.68
N LEU B 78 13.43 0.43 42.43
CA LEU B 78 13.30 1.79 41.89
C LEU B 78 14.36 2.14 40.83
N GLU B 79 15.63 1.78 41.10
CA GLU B 79 16.78 2.00 40.22
C GLU B 79 16.56 1.27 38.87
N LYS B 80 16.32 -0.07 38.92
CA LYS B 80 16.08 -0.94 37.76
C LYS B 80 14.85 -0.49 36.96
N LEU B 81 13.76 -0.12 37.66
CA LEU B 81 12.50 0.34 37.05
C LEU B 81 12.73 1.64 36.25
N CYS B 82 13.41 2.64 36.86
CA CYS B 82 13.70 3.93 36.22
C CYS B 82 14.63 3.76 35.02
N ARG B 83 15.60 2.83 35.12
CA ARG B 83 16.57 2.52 34.06
C ARG B 83 15.83 1.85 32.89
N PHE B 84 14.85 0.98 33.19
CA PHE B 84 14.03 0.27 32.21
C PHE B 84 13.19 1.26 31.40
N ILE B 85 12.39 2.11 32.10
CA ILE B 85 11.51 3.14 31.53
C ILE B 85 12.24 4.11 30.61
N MET B 86 13.35 4.69 31.10
CA MET B 86 14.14 5.66 30.34
C MET B 86 14.81 5.04 29.10
N SER B 87 15.15 3.74 29.13
CA SER B 87 15.74 3.07 27.97
C SER B 87 14.63 2.74 26.94
N VAL B 88 13.41 2.39 27.43
CA VAL B 88 12.24 2.09 26.57
C VAL B 88 11.97 3.34 25.72
N LYS B 89 11.99 4.53 26.37
CA LYS B 89 11.79 5.83 25.72
C LYS B 89 12.80 6.01 24.57
N LYS B 90 14.09 5.69 24.83
CA LYS B 90 15.20 5.79 23.86
C LYS B 90 15.01 4.89 22.64
N ASN B 91 14.28 3.76 22.79
CA ASN B 91 14.02 2.82 21.71
C ASN B 91 12.71 3.13 20.94
N TYR B 92 12.08 4.27 21.26
CA TYR B 92 10.89 4.76 20.57
C TYR B 92 11.39 5.81 19.59
N ARG B 93 10.89 5.78 18.36
CA ARG B 93 11.33 6.72 17.33
C ARG B 93 10.46 7.96 17.23
N ARG B 94 10.99 9.02 16.59
CA ARG B 94 10.33 10.30 16.39
C ARG B 94 9.35 10.23 15.20
N VAL B 95 8.31 9.39 15.31
CA VAL B 95 7.28 9.23 14.27
C VAL B 95 6.04 10.07 14.66
N PRO B 96 5.17 10.51 13.71
CA PRO B 96 4.02 11.36 14.10
C PRO B 96 3.04 10.80 15.12
N TYR B 97 2.81 9.48 15.17
CA TYR B 97 1.84 8.90 16.11
C TYR B 97 2.38 7.79 16.99
N HIS B 98 2.95 6.70 16.42
CA HIS B 98 3.46 5.57 17.21
C HIS B 98 4.81 5.86 17.88
N ASN B 99 4.80 6.92 18.69
CA ASN B 99 5.93 7.47 19.44
C ASN B 99 5.76 7.24 20.95
N TRP B 100 6.67 7.83 21.74
CA TRP B 100 6.70 7.76 23.21
C TRP B 100 5.37 8.19 23.85
N LYS B 101 4.74 9.27 23.34
CA LYS B 101 3.45 9.80 23.83
C LYS B 101 2.35 8.73 23.77
N HIS B 102 2.28 7.97 22.66
CA HIS B 102 1.29 6.91 22.46
C HIS B 102 1.53 5.77 23.46
N ALA B 103 2.81 5.41 23.69
CA ALA B 103 3.22 4.37 24.63
C ALA B 103 2.72 4.67 26.05
N VAL B 104 2.82 5.95 26.49
CA VAL B 104 2.38 6.43 27.80
C VAL B 104 0.84 6.52 27.84
N THR B 105 0.20 6.95 26.73
CA THR B 105 -1.26 7.05 26.62
C THR B 105 -1.91 5.65 26.79
N VAL B 106 -1.40 4.65 26.05
CA VAL B 106 -1.87 3.26 26.10
C VAL B 106 -1.67 2.66 27.51
N ALA B 107 -0.52 2.97 28.15
CA ALA B 107 -0.18 2.50 29.50
C ALA B 107 -1.16 3.03 30.54
N HIS B 108 -1.59 4.31 30.42
CA HIS B 108 -2.54 4.96 31.32
C HIS B 108 -3.91 4.31 31.25
N CYS B 109 -4.34 3.91 30.03
CA CYS B 109 -5.64 3.26 29.84
C CYS B 109 -5.64 1.87 30.50
N MET B 110 -4.52 1.13 30.41
CA MET B 110 -4.38 -0.20 31.04
C MET B 110 -4.45 -0.08 32.56
N TYR B 111 -3.81 0.99 33.11
CA TYR B 111 -3.78 1.31 34.53
C TYR B 111 -5.20 1.53 35.02
N ALA B 112 -5.96 2.45 34.37
CA ALA B 112 -7.35 2.78 34.68
C ALA B 112 -8.28 1.55 34.62
N ILE B 113 -8.06 0.63 33.65
CA ILE B 113 -8.86 -0.59 33.52
C ILE B 113 -8.51 -1.55 34.67
N LEU B 114 -7.20 -1.73 34.97
CA LEU B 114 -6.74 -2.60 36.06
C LEU B 114 -7.21 -2.07 37.43
N GLN B 115 -7.25 -0.74 37.63
CA GLN B 115 -7.68 -0.11 38.88
C GLN B 115 -9.17 -0.36 39.15
N ASN B 116 -10.02 -0.26 38.12
CA ASN B 116 -11.47 -0.46 38.21
C ASN B 116 -11.88 -1.95 38.20
N ASN B 117 -10.93 -2.86 37.90
CA ASN B 117 -11.10 -4.32 37.87
C ASN B 117 -9.96 -4.96 38.70
N HIS B 118 -9.72 -4.37 39.88
CA HIS B 118 -8.69 -4.72 40.86
C HIS B 118 -8.69 -6.18 41.34
N THR B 119 -9.87 -6.82 41.41
CA THR B 119 -10.00 -8.19 41.90
C THR B 119 -9.99 -9.26 40.76
N LEU B 120 -10.11 -8.83 39.50
CA LEU B 120 -10.17 -9.72 38.34
C LEU B 120 -8.80 -10.22 37.81
N PHE B 121 -7.70 -9.53 38.11
CA PHE B 121 -6.38 -9.94 37.60
C PHE B 121 -5.32 -10.14 38.68
N THR B 122 -4.42 -11.12 38.46
CA THR B 122 -3.33 -11.49 39.36
C THR B 122 -2.22 -10.42 39.34
N ASP B 123 -1.37 -10.39 40.40
CA ASP B 123 -0.25 -9.45 40.53
C ASP B 123 0.76 -9.56 39.39
N LEU B 124 1.01 -10.80 38.91
CA LEU B 124 1.92 -11.08 37.81
C LEU B 124 1.37 -10.56 36.47
N GLU B 125 0.03 -10.54 36.33
CA GLU B 125 -0.69 -10.05 35.14
C GLU B 125 -0.70 -8.53 35.13
N ARG B 126 -0.96 -7.91 36.32
CA ARG B 126 -1.01 -6.45 36.49
C ARG B 126 0.31 -5.77 36.12
N LYS B 127 1.43 -6.34 36.61
CA LYS B 127 2.78 -5.84 36.35
C LYS B 127 3.12 -6.01 34.86
N GLY B 128 2.87 -7.22 34.35
CA GLY B 128 3.13 -7.59 32.96
C GLY B 128 2.40 -6.76 31.93
N LEU B 129 1.11 -6.46 32.18
CA LEU B 129 0.28 -5.67 31.27
C LEU B 129 0.68 -4.19 31.19
N LEU B 130 1.08 -3.58 32.33
CA LEU B 130 1.52 -2.18 32.34
C LEU B 130 2.80 -2.05 31.53
N ILE B 131 3.73 -3.01 31.72
CA ILE B 131 5.01 -3.08 31.01
C ILE B 131 4.77 -3.37 29.51
N ALA B 132 3.88 -4.33 29.20
CA ALA B 132 3.52 -4.69 27.81
C ALA B 132 2.98 -3.49 27.05
N CYS B 133 2.18 -2.63 27.71
CA CYS B 133 1.58 -1.42 27.14
C CYS B 133 2.60 -0.33 26.82
N LEU B 134 3.60 -0.13 27.68
CA LEU B 134 4.63 0.89 27.45
C LEU B 134 5.59 0.42 26.34
N CYS B 135 5.70 -0.91 26.17
CA CYS B 135 6.57 -1.56 25.20
C CYS B 135 5.85 -2.04 23.91
N HIS B 136 4.51 -1.90 23.84
CA HIS B 136 3.66 -2.41 22.74
C HIS B 136 4.00 -1.88 21.33
N ASP B 137 4.62 -0.69 21.19
CA ASP B 137 5.00 -0.14 19.88
C ASP B 137 6.50 0.18 19.78
N LEU B 138 7.34 -0.50 20.60
CA LEU B 138 8.79 -0.32 20.66
C LEU B 138 9.48 -0.39 19.31
N ASP B 139 10.23 0.66 18.97
CA ASP B 139 11.01 0.79 17.73
C ASP B 139 10.14 0.85 16.47
N HIS B 140 8.91 1.43 16.59
CA HIS B 140 7.98 1.58 15.46
C HIS B 140 8.60 2.51 14.42
N ARG B 141 8.53 2.10 13.15
CA ARG B 141 9.11 2.85 12.04
C ARG B 141 8.12 3.77 11.34
N GLY B 142 6.88 3.78 11.82
CA GLY B 142 5.82 4.59 11.23
C GLY B 142 5.23 3.95 9.99
N PHE B 143 5.46 2.65 9.79
CA PHE B 143 4.94 1.92 8.65
C PHE B 143 4.08 0.75 9.08
N SER B 144 3.01 0.49 8.30
CA SER B 144 2.08 -0.61 8.54
C SER B 144 2.73 -1.97 8.22
N ASN B 145 2.12 -3.08 8.67
CA ASN B 145 2.62 -4.43 8.41
C ASN B 145 2.58 -4.75 6.92
N SER B 146 1.51 -4.32 6.22
CA SER B 146 1.34 -4.52 4.77
C SER B 146 2.43 -3.78 3.97
N TYR B 147 2.87 -2.59 4.45
CA TYR B 147 3.91 -1.79 3.79
C TYR B 147 5.26 -2.52 3.80
N LEU B 148 5.67 -3.03 4.97
CA LEU B 148 6.95 -3.74 5.14
C LEU B 148 7.01 -5.02 4.32
N GLN B 149 5.87 -5.73 4.22
CA GLN B 149 5.72 -6.97 3.45
C GLN B 149 5.76 -6.70 1.94
N LYS B 150 5.06 -5.64 1.48
CA LYS B 150 4.98 -5.23 0.07
C LYS B 150 6.32 -4.75 -0.49
N PHE B 151 7.11 -4.02 0.32
CA PHE B 151 8.41 -3.46 -0.08
C PHE B 151 9.60 -4.30 0.37
N ASP B 152 9.34 -5.55 0.80
CA ASP B 152 10.30 -6.56 1.26
C ASP B 152 11.37 -6.00 2.22
N HIS B 153 10.90 -5.32 3.28
CA HIS B 153 11.71 -4.72 4.34
C HIS B 153 12.39 -5.84 5.15
N PRO B 154 13.64 -5.67 5.68
CA PRO B 154 14.27 -6.77 6.44
C PRO B 154 13.45 -7.35 7.60
N LEU B 155 12.57 -6.53 8.22
CA LEU B 155 11.71 -6.96 9.33
C LEU B 155 10.61 -7.94 8.87
N ALA B 156 10.20 -7.84 7.58
CA ALA B 156 9.17 -8.71 6.99
C ALA B 156 9.73 -10.09 6.64
N ALA B 157 11.05 -10.17 6.37
CA ALA B 157 11.76 -11.41 6.05
C ALA B 157 12.02 -12.19 7.34
N LEU B 158 12.14 -11.46 8.47
CA LEU B 158 12.36 -12.01 9.80
C LEU B 158 11.04 -12.47 10.41
N TYR B 159 9.97 -11.68 10.24
CA TYR B 159 8.64 -12.00 10.77
C TYR B 159 7.60 -11.94 9.64
N SER B 160 7.04 -13.11 9.26
CA SER B 160 6.05 -13.25 8.20
C SER B 160 4.70 -12.62 8.55
N THR B 161 4.13 -12.96 9.73
CA THR B 161 2.84 -12.43 10.21
C THR B 161 3.04 -11.58 11.45
N SER B 162 2.20 -10.53 11.62
CA SER B 162 2.24 -9.56 12.72
C SER B 162 3.67 -8.99 12.86
N THR B 163 4.30 -8.71 11.70
CA THR B 163 5.66 -8.20 11.47
C THR B 163 6.15 -7.24 12.57
N MET B 164 5.47 -6.09 12.76
CA MET B 164 5.86 -5.10 13.76
C MET B 164 5.70 -5.57 15.19
N GLU B 165 4.60 -6.29 15.49
CA GLU B 165 4.26 -6.81 16.82
C GLU B 165 5.31 -7.79 17.35
N GLN B 166 5.82 -8.69 16.49
CA GLN B 166 6.86 -9.65 16.87
C GLN B 166 8.16 -8.90 17.14
N HIS B 167 8.40 -7.81 16.37
CA HIS B 167 9.57 -6.94 16.53
C HIS B 167 9.47 -6.18 17.86
N HIS B 168 8.25 -5.70 18.22
CA HIS B 168 7.99 -4.97 19.48
C HIS B 168 8.33 -5.84 20.70
N PHE B 169 7.93 -7.12 20.69
CA PHE B 169 8.22 -8.07 21.78
C PHE B 169 9.71 -8.43 21.83
N SER B 170 10.36 -8.49 20.66
CA SER B 170 11.80 -8.78 20.50
C SER B 170 12.62 -7.63 21.10
N GLN B 171 12.14 -6.38 20.95
CA GLN B 171 12.78 -5.18 21.48
C GLN B 171 12.58 -5.11 23.01
N THR B 172 11.44 -5.64 23.51
CA THR B 172 11.09 -5.69 24.93
C THR B 172 12.03 -6.65 25.68
N VAL B 173 12.16 -7.91 25.17
CA VAL B 173 13.01 -8.96 25.74
C VAL B 173 14.48 -8.47 25.74
N SER B 174 14.92 -7.88 24.63
CA SER B 174 16.27 -7.34 24.47
C SER B 174 16.59 -6.24 25.49
N ILE B 175 15.59 -5.38 25.84
CA ILE B 175 15.77 -4.33 26.84
C ILE B 175 15.95 -4.98 28.23
N LEU B 176 15.12 -5.99 28.55
CA LEU B 176 15.17 -6.74 29.81
C LEU B 176 16.50 -7.50 30.01
N GLN B 177 17.13 -7.94 28.90
CA GLN B 177 18.41 -8.67 28.88
C GLN B 177 19.64 -7.78 29.16
N LEU B 178 19.47 -6.44 29.20
CA LEU B 178 20.55 -5.49 29.47
C LEU B 178 20.89 -5.44 30.97
N GLU B 179 22.12 -4.98 31.30
CA GLU B 179 22.59 -4.88 32.69
C GLU B 179 21.80 -3.81 33.45
N GLY B 180 21.33 -4.18 34.64
CA GLY B 180 20.55 -3.32 35.52
C GLY B 180 19.18 -2.93 34.98
N HIS B 181 18.70 -3.67 33.96
CA HIS B 181 17.42 -3.44 33.30
C HIS B 181 16.38 -4.53 33.60
N ASN B 182 16.80 -5.75 34.01
CA ASN B 182 15.89 -6.85 34.31
C ASN B 182 15.08 -6.59 35.57
N ILE B 183 13.86 -6.07 35.39
CA ILE B 183 12.91 -5.73 36.45
C ILE B 183 12.16 -6.96 36.97
N PHE B 184 12.21 -8.07 36.21
CA PHE B 184 11.54 -9.32 36.58
C PHE B 184 12.51 -10.40 37.12
N SER B 185 13.78 -10.01 37.39
CA SER B 185 14.84 -10.90 37.91
C SER B 185 14.54 -11.46 39.30
N THR B 186 13.78 -10.71 40.12
CA THR B 186 13.39 -11.08 41.48
C THR B 186 12.30 -12.18 41.52
N LEU B 187 11.75 -12.56 40.35
CA LEU B 187 10.72 -13.60 40.21
C LEU B 187 11.35 -14.98 40.05
N SER B 188 10.56 -16.04 40.29
CA SER B 188 11.01 -17.44 40.17
C SER B 188 11.09 -17.83 38.68
N SER B 189 11.84 -18.92 38.37
CA SER B 189 12.05 -19.46 37.01
C SER B 189 10.75 -19.69 36.23
N SER B 190 9.67 -20.08 36.92
CA SER B 190 8.35 -20.32 36.32
C SER B 190 7.62 -18.99 36.10
N GLU B 191 7.66 -18.07 37.11
CA GLU B 191 7.02 -16.76 37.08
C GLU B 191 7.60 -15.82 36.01
N TYR B 192 8.93 -15.87 35.79
CA TYR B 192 9.61 -15.04 34.78
C TYR B 192 9.17 -15.45 33.37
N GLU B 193 9.06 -16.78 33.13
CA GLU B 193 8.62 -17.35 31.86
C GLU B 193 7.13 -17.12 31.66
N GLN B 194 6.37 -17.02 32.78
CA GLN B 194 4.92 -16.77 32.79
C GLN B 194 4.63 -15.32 32.37
N VAL B 195 5.34 -14.33 32.97
CA VAL B 195 5.17 -12.91 32.67
C VAL B 195 5.61 -12.60 31.22
N LEU B 196 6.67 -13.27 30.71
CA LEU B 196 7.14 -13.09 29.33
C LEU B 196 6.12 -13.59 28.32
N GLU B 197 5.35 -14.65 28.68
CA GLU B 197 4.29 -15.20 27.84
C GLU B 197 3.09 -14.25 27.81
N ILE B 198 2.78 -13.61 28.97
CA ILE B 198 1.69 -12.63 29.09
C ILE B 198 2.04 -11.43 28.19
N ILE B 199 3.29 -10.91 28.32
CA ILE B 199 3.82 -9.78 27.55
C ILE B 199 3.78 -10.10 26.03
N ARG B 200 4.14 -11.34 25.63
CA ARG B 200 4.12 -11.77 24.23
C ARG B 200 2.72 -11.74 23.65
N LYS B 201 1.77 -12.45 24.29
CA LYS B 201 0.37 -12.53 23.86
C LYS B 201 -0.32 -11.15 23.85
N ALA B 202 0.03 -10.27 24.81
CA ALA B 202 -0.51 -8.92 24.92
C ALA B 202 -0.06 -8.05 23.73
N ILE B 203 1.25 -8.03 23.43
CA ILE B 203 1.83 -7.26 22.31
C ILE B 203 1.33 -7.79 20.96
N ILE B 204 1.34 -9.13 20.76
CA ILE B 204 0.86 -9.76 19.51
C ILE B 204 -0.60 -9.34 19.24
N ALA B 205 -1.42 -9.24 20.29
CA ALA B 205 -2.82 -8.84 20.23
C ALA B 205 -3.06 -7.42 19.69
N THR B 206 -2.07 -6.51 19.78
CA THR B 206 -2.22 -5.13 19.27
C THR B 206 -2.27 -5.06 17.73
N ASP B 207 -2.06 -6.21 17.04
CA ASP B 207 -2.16 -6.27 15.59
C ASP B 207 -3.67 -6.23 15.35
N LEU B 208 -4.18 -5.05 14.91
CA LEU B 208 -5.60 -4.79 14.65
C LEU B 208 -6.28 -5.83 13.74
N ALA B 209 -5.51 -6.50 12.87
CA ALA B 209 -6.00 -7.55 11.98
C ALA B 209 -6.42 -8.79 12.78
N LEU B 210 -5.76 -9.03 13.93
CA LEU B 210 -6.04 -10.16 14.82
C LEU B 210 -7.23 -9.88 15.77
N TYR B 211 -7.55 -8.59 15.99
CA TYR B 211 -8.62 -8.13 16.87
C TYR B 211 -10.02 -8.59 16.45
N PHE B 212 -10.38 -8.42 15.15
CA PHE B 212 -11.71 -8.78 14.61
C PHE B 212 -12.12 -10.21 14.93
N GLY B 213 -11.19 -11.15 14.75
CA GLY B 213 -11.40 -12.57 15.04
C GLY B 213 -11.49 -12.83 16.54
N ASN B 214 -10.67 -12.12 17.33
CA ASN B 214 -10.64 -12.24 18.79
C ASN B 214 -11.92 -11.71 19.43
N ARG B 215 -12.42 -10.55 18.94
CA ARG B 215 -13.65 -9.90 19.42
C ARG B 215 -14.88 -10.74 19.08
N LYS B 216 -14.85 -11.45 17.92
CA LYS B 216 -15.93 -12.32 17.45
C LYS B 216 -16.08 -13.51 18.41
N GLN B 217 -14.96 -14.22 18.71
CA GLN B 217 -14.91 -15.36 19.62
C GLN B 217 -15.41 -14.98 21.03
N LEU B 218 -14.98 -13.80 21.53
CA LEU B 218 -15.38 -13.28 22.84
C LEU B 218 -16.87 -12.95 22.91
N GLU B 219 -17.46 -12.50 21.79
CA GLU B 219 -18.89 -12.19 21.68
C GLU B 219 -19.71 -13.49 21.79
N GLU B 220 -19.28 -14.53 21.04
CA GLU B 220 -19.91 -15.86 21.00
C GLU B 220 -19.85 -16.54 22.38
N MET B 221 -18.70 -16.40 23.08
CA MET B 221 -18.45 -16.95 24.41
C MET B 221 -19.32 -16.27 25.48
N TYR B 222 -19.60 -14.96 25.30
CA TYR B 222 -20.41 -14.16 26.21
C TYR B 222 -21.90 -14.48 26.06
N GLN B 223 -22.41 -14.45 24.81
CA GLN B 223 -23.82 -14.71 24.47
C GLN B 223 -24.30 -16.09 24.88
N THR B 224 -23.44 -17.12 24.71
CA THR B 224 -23.73 -18.50 25.09
C THR B 224 -23.47 -18.74 26.59
N GLY B 225 -22.70 -17.84 27.19
CA GLY B 225 -22.34 -17.91 28.61
C GLY B 225 -21.23 -18.89 28.90
N SER B 226 -20.48 -19.29 27.86
CA SER B 226 -19.36 -20.23 27.95
C SER B 226 -18.03 -19.55 28.34
N LEU B 227 -18.03 -18.21 28.49
CA LEU B 227 -16.87 -17.40 28.87
C LEU B 227 -16.47 -17.69 30.33
N ASN B 228 -15.39 -18.47 30.51
CA ASN B 228 -14.85 -18.87 31.82
C ASN B 228 -13.50 -18.18 32.07
N LEU B 229 -13.46 -17.26 33.06
CA LEU B 229 -12.25 -16.54 33.42
C LEU B 229 -11.14 -17.44 34.00
N ASN B 230 -11.51 -18.65 34.50
CA ASN B 230 -10.57 -19.62 35.05
C ASN B 230 -9.73 -20.26 33.93
N ASN B 231 -10.32 -20.38 32.73
CA ASN B 231 -9.69 -20.95 31.52
C ASN B 231 -8.64 -19.96 31.00
N GLN B 232 -7.39 -20.43 30.83
CA GLN B 232 -6.26 -19.63 30.34
C GLN B 232 -6.45 -19.13 28.90
N SER B 233 -7.00 -19.98 28.01
CA SER B 233 -7.28 -19.64 26.61
C SER B 233 -8.27 -18.48 26.52
N HIS B 234 -9.30 -18.50 27.40
CA HIS B 234 -10.35 -17.48 27.48
C HIS B 234 -9.77 -16.21 28.10
N ARG B 235 -8.84 -16.37 29.06
CA ARG B 235 -8.15 -15.28 29.77
C ARG B 235 -7.26 -14.48 28.81
N ASP B 236 -6.49 -15.18 27.95
CA ASP B 236 -5.60 -14.58 26.95
C ASP B 236 -6.40 -13.75 25.92
N ARG B 237 -7.66 -14.14 25.65
CA ARG B 237 -8.55 -13.44 24.71
C ARG B 237 -9.06 -12.13 25.35
N VAL B 238 -9.47 -12.19 26.64
CA VAL B 238 -9.94 -11.02 27.42
C VAL B 238 -8.82 -9.97 27.50
N ILE B 239 -7.57 -10.43 27.74
CA ILE B 239 -6.35 -9.61 27.81
C ILE B 239 -6.11 -8.96 26.42
N GLY B 240 -6.39 -9.72 25.36
CA GLY B 240 -6.26 -9.30 23.97
C GLY B 240 -7.14 -8.11 23.60
N LEU B 241 -8.42 -8.15 24.01
CA LEU B 241 -9.41 -7.10 23.77
C LEU B 241 -9.06 -5.84 24.54
N MET B 242 -8.51 -6.01 25.76
CA MET B 242 -8.07 -4.93 26.64
C MET B 242 -6.92 -4.16 25.99
N MET B 243 -6.00 -4.90 25.33
CA MET B 243 -4.85 -4.34 24.62
C MET B 243 -5.33 -3.48 23.46
N THR B 244 -6.30 -3.99 22.66
CA THR B 244 -6.89 -3.26 21.54
C THR B 244 -7.59 -2.02 22.06
N ALA B 245 -8.39 -2.18 23.14
CA ALA B 245 -9.13 -1.10 23.79
C ALA B 245 -8.21 0.01 24.30
N CYS B 246 -7.02 -0.35 24.82
CA CYS B 246 -6.03 0.61 25.31
C CYS B 246 -5.35 1.26 24.11
N ASP B 247 -5.04 0.45 23.07
CA ASP B 247 -4.39 0.93 21.85
C ASP B 247 -5.16 2.02 21.12
N LEU B 248 -6.51 1.91 21.08
CA LEU B 248 -7.39 2.87 20.40
C LEU B 248 -8.00 3.94 21.31
N CYS B 249 -7.61 3.98 22.61
CA CYS B 249 -8.15 4.88 23.64
C CYS B 249 -8.14 6.39 23.29
N SER B 250 -7.49 6.81 22.20
CA SER B 250 -7.49 8.23 21.78
C SER B 250 -8.91 8.67 21.36
N VAL B 251 -9.77 7.69 21.00
CA VAL B 251 -11.17 7.90 20.60
C VAL B 251 -12.06 8.10 21.83
N THR B 252 -11.52 7.79 23.04
CA THR B 252 -12.23 7.88 24.33
C THR B 252 -11.80 9.09 25.17
N LYS B 253 -11.18 10.10 24.55
CA LYS B 253 -10.74 11.32 25.24
C LYS B 253 -11.73 12.44 24.92
N LEU B 254 -11.51 13.66 25.44
CA LEU B 254 -12.40 14.79 25.17
C LEU B 254 -12.19 15.24 23.72
N TRP B 255 -13.24 15.76 23.07
CA TRP B 255 -13.19 16.22 21.68
C TRP B 255 -11.97 17.09 21.33
N PRO B 256 -11.59 18.17 22.06
CA PRO B 256 -10.38 18.95 21.66
C PRO B 256 -9.09 18.14 21.67
N VAL B 257 -9.05 17.04 22.44
CA VAL B 257 -7.89 16.14 22.56
C VAL B 257 -7.94 15.11 21.41
N THR B 258 -9.08 14.41 21.23
CA THR B 258 -9.30 13.40 20.18
C THR B 258 -8.99 13.97 18.78
N LYS B 259 -9.48 15.21 18.52
CA LYS B 259 -9.30 15.96 17.27
C LYS B 259 -7.81 16.19 16.96
N LEU B 260 -7.01 16.58 17.98
CA LEU B 260 -5.57 16.81 17.83
C LEU B 260 -4.81 15.52 17.53
N THR B 261 -5.15 14.42 18.23
CA THR B 261 -4.53 13.11 18.05
C THR B 261 -4.82 12.59 16.63
N ALA B 262 -6.03 12.87 16.09
CA ALA B 262 -6.45 12.46 14.74
C ALA B 262 -5.51 13.05 13.69
N ASN B 263 -5.06 14.31 13.89
CA ASN B 263 -4.12 15.01 13.00
C ASN B 263 -2.78 14.25 12.96
N ASP B 264 -2.33 13.72 14.11
CA ASP B 264 -1.09 12.95 14.26
C ASP B 264 -1.23 11.58 13.62
N ILE B 265 -2.39 10.92 13.82
CA ILE B 265 -2.71 9.61 13.25
C ILE B 265 -2.67 9.71 11.71
N TYR B 266 -3.28 10.76 11.14
CA TYR B 266 -3.32 10.94 9.69
C TYR B 266 -1.99 11.42 9.13
N ALA B 267 -1.15 12.13 9.94
CA ALA B 267 0.17 12.58 9.49
C ALA B 267 1.06 11.32 9.25
N GLU B 268 0.94 10.31 10.13
CA GLU B 268 1.69 9.06 10.01
C GLU B 268 1.17 8.24 8.81
N PHE B 269 -0.17 8.19 8.62
CA PHE B 269 -0.79 7.46 7.51
C PHE B 269 -0.35 8.07 6.17
N TRP B 270 -0.39 9.42 6.09
CA TRP B 270 -0.01 10.20 4.90
C TRP B 270 1.46 10.10 4.57
N ALA B 271 2.34 10.07 5.61
CA ALA B 271 3.80 9.95 5.42
C ALA B 271 4.12 8.61 4.76
N GLU B 272 3.39 7.53 5.13
CA GLU B 272 3.54 6.19 4.56
C GLU B 272 3.06 6.20 3.08
N GLY B 273 2.00 6.95 2.81
CA GLY B 273 1.42 7.11 1.49
C GLY B 273 2.35 7.85 0.56
N ASP B 274 3.05 8.87 1.11
CA ASP B 274 4.03 9.68 0.39
C ASP B 274 5.20 8.77 -0.04
N GLU B 275 5.60 7.82 0.83
CA GLU B 275 6.68 6.87 0.54
C GLU B 275 6.29 5.95 -0.60
N MET B 276 4.98 5.59 -0.68
CA MET B 276 4.44 4.75 -1.75
C MET B 276 4.47 5.57 -3.05
N LYS B 277 4.05 6.86 -2.96
CA LYS B 277 4.00 7.83 -4.07
C LYS B 277 5.39 8.09 -4.67
N LYS B 278 6.45 7.96 -3.85
CA LYS B 278 7.84 8.16 -4.28
C LYS B 278 8.28 7.07 -5.27
N LEU B 279 7.65 5.88 -5.23
CA LEU B 279 7.96 4.76 -6.12
C LEU B 279 6.88 4.56 -7.19
N GLY B 280 6.03 5.57 -7.36
CA GLY B 280 4.94 5.58 -8.33
C GLY B 280 3.74 4.73 -7.97
N ILE B 281 3.61 4.38 -6.68
CA ILE B 281 2.50 3.56 -6.18
C ILE B 281 1.46 4.45 -5.52
N GLN B 282 0.22 4.37 -6.02
CA GLN B 282 -0.91 5.13 -5.49
C GLN B 282 -1.35 4.51 -4.17
N PRO B 283 -1.35 5.29 -3.06
CA PRO B 283 -1.81 4.70 -1.78
C PRO B 283 -3.33 4.67 -1.72
N ILE B 284 -3.90 3.94 -0.74
CA ILE B 284 -5.35 3.89 -0.53
C ILE B 284 -5.81 5.29 -0.03
N PRO B 285 -7.08 5.74 -0.23
CA PRO B 285 -7.46 7.10 0.22
C PRO B 285 -7.07 7.47 1.66
N MET B 286 -7.09 6.50 2.59
CA MET B 286 -6.73 6.66 4.01
C MET B 286 -5.28 7.15 4.18
N MET B 287 -4.37 6.72 3.28
CA MET B 287 -2.96 7.08 3.31
C MET B 287 -2.58 8.20 2.31
N ASP B 288 -3.57 8.72 1.57
CA ASP B 288 -3.37 9.77 0.58
C ASP B 288 -3.73 11.13 1.18
N ARG B 289 -2.73 12.04 1.29
CA ARG B 289 -2.93 13.39 1.84
C ARG B 289 -3.75 14.31 0.91
N ASP B 290 -3.97 13.87 -0.36
CA ASP B 290 -4.78 14.62 -1.33
C ASP B 290 -6.27 14.28 -1.20
N LYS B 291 -6.59 13.29 -0.33
CA LYS B 291 -7.94 12.83 -0.02
C LYS B 291 -8.24 13.26 1.44
N LYS B 292 -7.71 14.42 1.81
CA LYS B 292 -7.79 15.10 3.11
C LYS B 292 -9.23 15.34 3.59
N ASP B 293 -10.13 15.70 2.66
CA ASP B 293 -11.53 15.99 2.96
C ASP B 293 -12.38 14.75 3.26
N GLU B 294 -11.82 13.56 3.05
CA GLU B 294 -12.49 12.27 3.28
C GLU B 294 -12.31 11.75 4.71
N VAL B 295 -11.40 12.39 5.50
CA VAL B 295 -11.07 12.05 6.89
C VAL B 295 -12.33 12.05 7.79
N PRO B 296 -13.23 13.09 7.81
CA PRO B 296 -14.42 13.00 8.68
C PRO B 296 -15.27 11.76 8.44
N GLN B 297 -15.49 11.39 7.14
CA GLN B 297 -16.26 10.21 6.76
C GLN B 297 -15.52 8.91 7.14
N GLY B 298 -14.21 8.86 6.91
CA GLY B 298 -13.37 7.72 7.25
C GLY B 298 -13.39 7.41 8.75
N GLN B 299 -13.38 8.47 9.58
CA GLN B 299 -13.43 8.36 11.03
C GLN B 299 -14.77 7.78 11.50
N LEU B 300 -15.90 8.30 10.96
CA LEU B 300 -17.25 7.82 11.27
C LEU B 300 -17.34 6.30 11.03
N GLY B 301 -16.76 5.85 9.91
CA GLY B 301 -16.69 4.45 9.54
C GLY B 301 -15.86 3.63 10.51
N PHE B 302 -14.69 4.16 10.92
CA PHE B 302 -13.78 3.52 11.87
C PHE B 302 -14.48 3.37 13.23
N TYR B 303 -15.16 4.43 13.68
CA TYR B 303 -15.89 4.43 14.95
C TYR B 303 -16.97 3.37 14.96
N ASN B 304 -17.76 3.27 13.87
CA ASN B 304 -18.84 2.29 13.76
C ASN B 304 -18.38 0.84 13.54
N ALA B 305 -17.32 0.63 12.74
CA ALA B 305 -16.83 -0.73 12.44
C ALA B 305 -15.77 -1.30 13.39
N VAL B 306 -14.93 -0.45 14.01
CA VAL B 306 -13.86 -0.93 14.89
C VAL B 306 -14.05 -0.53 16.36
N ALA B 307 -14.07 0.78 16.65
CA ALA B 307 -14.17 1.37 17.99
C ALA B 307 -15.39 0.91 18.81
N ILE B 308 -16.64 1.14 18.33
CA ILE B 308 -17.87 0.77 19.05
C ILE B 308 -17.88 -0.75 19.37
N PRO B 309 -17.78 -1.72 18.41
CA PRO B 309 -17.78 -3.14 18.81
C PRO B 309 -16.72 -3.53 19.86
N CYS B 310 -15.55 -2.86 19.85
CA CYS B 310 -14.46 -3.09 20.79
C CYS B 310 -14.86 -2.76 22.24
N TYR B 311 -15.28 -1.50 22.48
CA TYR B 311 -15.67 -1.02 23.81
C TYR B 311 -17.01 -1.59 24.27
N THR B 312 -17.85 -2.08 23.34
CA THR B 312 -19.15 -2.69 23.66
C THR B 312 -18.87 -4.07 24.28
N THR B 313 -18.06 -4.90 23.59
CA THR B 313 -17.68 -6.24 24.06
C THR B 313 -16.88 -6.12 25.37
N LEU B 314 -16.04 -5.06 25.50
CA LEU B 314 -15.22 -4.80 26.68
C LEU B 314 -16.08 -4.51 27.91
N THR B 315 -17.11 -3.65 27.77
CA THR B 315 -18.06 -3.30 28.82
C THR B 315 -18.86 -4.56 29.23
N GLN B 316 -19.18 -5.43 28.25
CA GLN B 316 -19.91 -6.68 28.48
C GLN B 316 -19.11 -7.64 29.36
N ILE B 317 -17.80 -7.78 29.10
CA ILE B 317 -16.91 -8.65 29.88
C ILE B 317 -16.56 -7.97 31.21
N LEU B 318 -16.11 -6.70 31.15
CA LEU B 318 -15.73 -5.90 32.33
C LEU B 318 -16.63 -4.66 32.45
N PRO B 319 -17.80 -4.77 33.14
CA PRO B 319 -18.70 -3.59 33.27
C PRO B 319 -18.06 -2.28 33.74
N PRO B 320 -17.07 -2.20 34.70
CA PRO B 320 -16.53 -0.89 35.08
C PRO B 320 -15.82 -0.10 33.96
N THR B 321 -15.53 -0.75 32.81
CA THR B 321 -14.86 -0.11 31.66
C THR B 321 -15.85 0.69 30.79
N GLU B 322 -17.11 0.84 31.26
CA GLU B 322 -18.22 1.55 30.62
C GLU B 322 -17.89 3.01 30.22
N PRO B 323 -17.19 3.86 31.04
CA PRO B 323 -16.94 5.25 30.60
C PRO B 323 -16.17 5.40 29.27
N LEU B 324 -15.44 4.35 28.84
CA LEU B 324 -14.68 4.33 27.58
C LEU B 324 -15.67 4.35 26.39
N LEU B 325 -16.68 3.44 26.43
CA LEU B 325 -17.74 3.34 25.41
C LEU B 325 -18.57 4.63 25.36
N LYS B 326 -18.84 5.24 26.54
CA LYS B 326 -19.60 6.49 26.68
C LYS B 326 -18.87 7.64 25.97
N ALA B 327 -17.54 7.74 26.17
CA ALA B 327 -16.70 8.77 25.55
C ALA B 327 -16.54 8.52 24.05
N CYS B 328 -16.49 7.23 23.65
CA CYS B 328 -16.37 6.79 22.26
C CYS B 328 -17.58 7.25 21.44
N ARG B 329 -18.79 7.18 22.04
CA ARG B 329 -20.06 7.59 21.43
C ARG B 329 -20.12 9.11 21.26
N ASP B 330 -19.60 9.87 22.24
CA ASP B 330 -19.57 11.33 22.23
C ASP B 330 -18.70 11.89 21.10
N ASN B 331 -17.54 11.26 20.81
CA ASN B 331 -16.64 11.68 19.73
C ASN B 331 -17.19 11.34 18.34
N LEU B 332 -17.92 10.22 18.25
CA LEU B 332 -18.58 9.73 17.02
C LEU B 332 -19.63 10.76 16.58
N SER B 333 -20.35 11.36 17.55
CA SER B 333 -21.37 12.38 17.32
C SER B 333 -20.70 13.66 16.81
N GLN B 334 -19.48 13.94 17.28
CA GLN B 334 -18.69 15.11 16.87
C GLN B 334 -18.24 14.97 15.41
N TRP B 335 -17.86 13.74 14.99
CA TRP B 335 -17.44 13.46 13.60
C TRP B 335 -18.64 13.56 12.69
N GLU B 336 -19.81 13.12 13.19
CA GLU B 336 -21.12 13.18 12.51
C GLU B 336 -21.42 14.66 12.25
N LYS B 337 -21.15 15.53 13.25
CA LYS B 337 -21.34 16.98 13.17
C LYS B 337 -20.35 17.61 12.18
N VAL B 338 -19.15 17.01 12.01
CA VAL B 338 -18.16 17.54 11.06
C VAL B 338 -18.66 17.34 9.62
N ILE B 339 -19.16 16.13 9.30
CA ILE B 339 -19.70 15.73 7.99
C ILE B 339 -20.89 16.61 7.56
N ARG B 340 -21.85 16.84 8.49
CA ARG B 340 -23.05 17.66 8.26
C ARG B 340 -22.76 19.16 8.20
N GLY B 341 -21.70 19.60 8.87
CA GLY B 341 -21.31 21.00 8.94
C GLY B 341 -21.87 21.71 10.15
N GLU B 342 -21.95 20.97 11.28
CA GLU B 342 -22.46 21.35 12.61
C GLU B 342 -23.97 21.55 12.61
ZN ZN C . 2.14 2.95 -21.65
MG MG D . -0.31 5.49 -20.19
N 4PX E . 5.13 4.66 -13.27
C 4PX E . 6.64 5.09 -11.46
O 4PX E . 6.56 2.07 -16.91
C1 4PX E . 5.42 5.21 -12.09
C2 4PX E . 6.10 3.95 -13.88
C3 4PX E . 7.34 3.79 -13.31
C4 4PX E . 7.63 4.36 -12.09
N5 4PX E . 5.87 3.33 -15.14
C6 4PX E . 6.80 2.57 -15.83
C7 4PX E . 8.13 2.43 -15.18
C8 4PX E . 8.34 3.02 -14.02
C9 4PX E . 4.67 3.66 -15.80
C10 4PX E . 4.53 4.88 -16.42
C11 4PX E . 3.35 5.18 -17.07
C12 4PX E . 2.34 4.25 -17.11
C13 4PX E . 2.48 3.02 -16.50
C14 4PX E . 3.65 2.73 -15.84
N15 4PX E . 9.28 1.76 -15.56
C16 4PX E . 10.21 1.98 -14.53
N17 4PX E . 9.58 2.76 -13.59
O18 4PX E . 11.37 1.60 -14.43
C19 4PX E . 9.53 0.96 -16.79
C20 4PX E . 10.89 0.30 -16.81
O21 4PX E . 11.94 1.22 -17.05
C22 4PX E . 8.58 -0.21 -16.89
C23 4PX E . 9.43 1.78 -18.06
ZN ZN F . -0.27 1.21 19.51
MG MG G . 1.17 -1.30 17.07
C3 4Y1 H . -6.52 4.12 14.88
C5 4Y1 H . -6.95 5.38 17.01
N6 4Y1 H . -5.64 3.29 15.61
C7 4Y1 H . -4.85 2.37 14.81
C9 4Y1 H . -2.08 4.27 12.84
C11 4Y1 H . -2.82 2.22 13.20
C12 4Y1 H . -1.26 5.38 12.32
C13 4Y1 H . -2.76 0.77 12.97
C15 4Y1 H . -8.73 4.89 9.52
N17 4Y1 H . -10.59 3.49 8.91
C18 4Y1 H . -11.11 2.27 8.73
C20 4Y1 H . -9.11 1.16 9.33
C21 4Y1 H . -8.54 2.40 9.53
C 4Y1 H . -7.98 5.95 14.80
N 4Y1 H . -8.20 5.80 13.49
O 4Y1 H . -7.66 4.50 11.59
S 4Y1 H . -3.38 4.58 13.91
CL 4Y1 H . -8.84 7.27 15.49
C1 4Y1 H . -7.54 4.78 12.94
N2 4Y1 H . -6.71 3.93 13.56
C4 4Y1 H . -7.15 5.15 15.55
C8 4Y1 H . -3.72 2.90 13.98
N10 4Y1 H . -1.89 3.00 12.55
C14 4Y1 H . -8.70 5.27 10.99
C16 4Y1 H . -9.31 3.53 9.31
C19 4Y1 H . -10.43 1.08 8.93
#